data_8I78
#
_entry.id   8I78
#
_cell.length_a   211.910
_cell.length_b   211.910
_cell.length_c   245.760
_cell.angle_alpha   90.00
_cell.angle_beta   90.00
_cell.angle_gamma   120.00
#
_symmetry.space_group_name_H-M   'H 3 2'
#
loop_
_entity.id
_entity.type
_entity.pdbx_description
1 polymer 'Meso-diaminopimelate D-dehydrogenase'
2 water water
#
_entity_poly.entity_id   1
_entity_poly.type   'polypeptide(L)'
_entity_poly.pdbx_seq_one_letter_code
;MNTKIKVAIVGYGNIGRFALEAVQAAQDFELVGVVRRDINNVPEELQNITVTNDIKTLGDVDVALLCSPTRAIKELAKSI
LSLGINTVDSFDVHSEIVSLKTELDDVAKKHDRVAVISAGWDPGSDSIVRTLMLAMAPKGITYTNFGPGMSMGHSVAAKA
IEGVKDALSMTIPLGTGVHRRMVYVELEAGANFNQVEQAIKADSYFSSDETHVKQVDSVDSLKDVGHGVHMTHKGVSGKT
HNQLFEYSMRINNPALTSQFMVSAARASMKQRAGAYTVIEIPPVDFLAGDLNTLIAKLV
;
_entity_poly.pdbx_strand_id   A,B,C,D
#
# COMPACT_ATOMS: atom_id res chain seq x y z
N THR A 3 27.18 0.12 2.05
CA THR A 3 28.52 -0.56 2.26
C THR A 3 28.83 -1.54 1.10
N LYS A 4 27.82 -1.96 0.33
CA LYS A 4 27.93 -2.96 -0.76
C LYS A 4 28.55 -2.34 -2.03
N ILE A 5 29.53 -3.00 -2.65
CA ILE A 5 30.27 -2.46 -3.83
C ILE A 5 29.40 -2.66 -5.06
N LYS A 6 29.01 -1.58 -5.72
CA LYS A 6 28.00 -1.58 -6.80
C LYS A 6 28.73 -1.68 -8.15
N VAL A 7 28.51 -2.79 -8.87
CA VAL A 7 29.33 -3.17 -10.05
C VAL A 7 28.45 -3.30 -11.31
N ALA A 8 28.92 -2.73 -12.41
CA ALA A 8 28.37 -2.93 -13.77
C ALA A 8 29.33 -3.82 -14.56
N ILE A 9 28.81 -4.74 -15.35
CA ILE A 9 29.61 -5.57 -16.31
C ILE A 9 29.46 -4.94 -17.71
N VAL A 10 30.55 -4.45 -18.30
CA VAL A 10 30.54 -3.81 -19.64
C VAL A 10 31.17 -4.76 -20.64
N GLY A 11 30.42 -5.14 -21.69
CA GLY A 11 30.76 -6.26 -22.59
C GLY A 11 30.28 -7.55 -21.98
N TYR A 12 29.97 -8.56 -22.78
CA TYR A 12 29.55 -9.90 -22.29
C TYR A 12 30.01 -10.96 -23.27
N GLY A 13 31.33 -11.02 -23.50
CA GLY A 13 32.00 -12.14 -24.18
C GLY A 13 31.96 -13.40 -23.33
N ASN A 14 33.04 -14.17 -23.39
CA ASN A 14 33.16 -15.45 -22.63
C ASN A 14 33.32 -15.08 -21.16
N ILE A 15 34.19 -14.10 -20.88
CA ILE A 15 34.53 -13.75 -19.48
C ILE A 15 33.32 -13.03 -18.87
N GLY A 16 32.45 -12.44 -19.69
CA GLY A 16 31.21 -11.78 -19.24
C GLY A 16 30.34 -12.68 -18.39
N ARG A 17 30.04 -13.88 -18.90
CA ARG A 17 29.14 -14.83 -18.20
C ARG A 17 29.75 -15.23 -16.85
N PHE A 18 31.07 -15.40 -16.84
CA PHE A 18 31.81 -15.86 -15.64
C PHE A 18 31.93 -14.69 -14.65
N ALA A 19 32.10 -13.46 -15.15
CA ALA A 19 32.08 -12.21 -14.34
C ALA A 19 30.76 -12.11 -13.58
N LEU A 20 29.65 -12.40 -14.25
CA LEU A 20 28.31 -12.36 -13.64
C LEU A 20 28.26 -13.33 -12.46
N GLU A 21 28.76 -14.55 -12.68
CA GLU A 21 28.83 -15.62 -11.65
C GLU A 21 29.66 -15.12 -10.47
N ALA A 22 30.82 -14.51 -10.73
CA ALA A 22 31.76 -14.07 -9.68
C ALA A 22 31.14 -12.96 -8.84
N VAL A 23 30.47 -12.01 -9.50
CA VAL A 23 29.76 -10.88 -8.82
C VAL A 23 28.63 -11.44 -7.94
N GLN A 24 27.81 -12.36 -8.47
CA GLN A 24 26.65 -12.90 -7.73
C GLN A 24 27.15 -13.64 -6.48
N ALA A 25 28.26 -14.37 -6.59
CA ALA A 25 28.84 -15.21 -5.51
C ALA A 25 29.41 -14.33 -4.38
N ALA A 26 29.91 -13.14 -4.70
CA ALA A 26 30.49 -12.18 -3.73
C ALA A 26 29.40 -11.46 -2.94
N GLN A 27 29.28 -11.76 -1.64
CA GLN A 27 28.27 -11.17 -0.74
C GLN A 27 28.47 -9.65 -0.65
N ASP A 28 29.70 -9.16 -0.81
CA ASP A 28 30.02 -7.72 -0.61
C ASP A 28 29.77 -6.95 -1.92
N PHE A 29 29.34 -7.61 -3.00
CA PHE A 29 29.06 -6.97 -4.31
C PHE A 29 27.56 -7.00 -4.62
N GLU A 30 27.07 -5.91 -5.20
CA GLU A 30 25.69 -5.78 -5.73
C GLU A 30 25.80 -5.52 -7.24
N LEU A 31 25.25 -6.44 -8.04
CA LEU A 31 25.22 -6.32 -9.51
C LEU A 31 24.18 -5.29 -9.91
N VAL A 32 24.58 -4.13 -10.44
CA VAL A 32 23.58 -3.07 -10.73
C VAL A 32 23.22 -3.22 -12.23
N GLY A 33 23.92 -4.07 -13.00
CA GLY A 33 23.46 -4.51 -14.33
C GLY A 33 24.57 -4.85 -15.32
N VAL A 34 24.20 -5.19 -16.57
CA VAL A 34 25.13 -5.53 -17.70
C VAL A 34 24.92 -4.52 -18.83
N VAL A 35 26.03 -4.01 -19.39
CA VAL A 35 26.05 -3.01 -20.50
C VAL A 35 26.57 -3.71 -21.75
N ARG A 36 25.77 -3.81 -22.81
CA ARG A 36 26.20 -4.40 -24.11
C ARG A 36 25.53 -3.69 -25.30
N ARG A 37 26.15 -3.78 -26.47
CA ARG A 37 25.70 -3.11 -27.73
C ARG A 37 24.39 -3.75 -28.19
N ASP A 38 24.30 -5.09 -28.22
CA ASP A 38 23.05 -5.82 -28.58
C ASP A 38 22.31 -6.25 -27.30
N ILE A 39 21.29 -5.50 -26.89
CA ILE A 39 20.51 -5.76 -25.64
C ILE A 39 19.44 -6.82 -25.89
N ASN A 40 19.25 -7.30 -27.13
CA ASN A 40 18.11 -8.19 -27.51
C ASN A 40 18.59 -9.65 -27.63
N ASN A 41 19.89 -9.86 -27.81
CA ASN A 41 20.59 -11.13 -27.47
C ASN A 41 20.64 -11.24 -25.95
N VAL A 42 19.77 -12.09 -25.38
CA VAL A 42 19.65 -12.29 -23.90
C VAL A 42 19.70 -13.80 -23.63
N PRO A 43 20.86 -14.37 -23.24
CA PRO A 43 20.94 -15.79 -22.86
C PRO A 43 20.25 -16.08 -21.51
N GLU A 44 19.99 -17.36 -21.21
CA GLU A 44 19.15 -17.82 -20.07
C GLU A 44 19.48 -17.00 -18.81
N GLU A 45 20.77 -16.78 -18.53
CA GLU A 45 21.27 -16.24 -17.22
C GLU A 45 21.00 -14.73 -17.09
N LEU A 46 20.68 -14.04 -18.20
CA LEU A 46 20.40 -12.57 -18.21
C LEU A 46 18.89 -12.29 -18.29
N GLN A 47 18.04 -13.30 -18.08
CA GLN A 47 16.56 -13.13 -18.15
C GLN A 47 16.10 -12.14 -17.08
N ASN A 48 16.63 -12.25 -15.86
CA ASN A 48 16.19 -11.43 -14.70
C ASN A 48 17.24 -10.37 -14.38
N ILE A 49 18.20 -10.15 -15.27
CA ILE A 49 19.32 -9.17 -15.10
C ILE A 49 19.03 -7.94 -15.97
N THR A 50 19.15 -6.75 -15.39
CA THR A 50 19.06 -5.46 -16.10
C THR A 50 20.16 -5.42 -17.17
N VAL A 51 19.76 -5.26 -18.43
CA VAL A 51 20.68 -5.16 -19.59
C VAL A 51 20.37 -3.85 -20.33
N THR A 52 21.36 -3.00 -20.48
CA THR A 52 21.22 -1.64 -21.05
C THR A 52 22.35 -1.48 -22.05
N ASN A 53 22.29 -0.44 -22.88
CA ASN A 53 23.39 -0.07 -23.80
C ASN A 53 24.02 1.23 -23.31
N ASP A 54 23.65 1.68 -22.11
CA ASP A 54 24.12 2.96 -21.53
C ASP A 54 24.24 2.80 -20.02
N ILE A 55 25.46 2.92 -19.51
CA ILE A 55 25.79 2.61 -18.09
C ILE A 55 25.06 3.59 -17.17
N LYS A 56 24.71 4.77 -17.67
CA LYS A 56 24.04 5.84 -16.89
C LYS A 56 22.68 5.38 -16.37
N THR A 57 22.00 4.48 -17.06
CA THR A 57 20.66 3.98 -16.68
C THR A 57 20.74 3.07 -15.45
N LEU A 58 21.93 2.66 -15.02
CA LEU A 58 22.09 1.71 -13.89
C LEU A 58 22.22 2.46 -12.56
N GLY A 59 22.26 3.78 -12.59
CA GLY A 59 22.20 4.66 -11.40
C GLY A 59 23.59 4.79 -10.81
N ASP A 60 23.70 4.59 -9.50
CA ASP A 60 24.97 4.69 -8.74
C ASP A 60 25.72 3.38 -8.95
N VAL A 61 26.89 3.50 -9.58
CA VAL A 61 27.82 2.39 -9.90
C VAL A 61 29.19 2.80 -9.36
N ASP A 62 29.74 1.98 -8.47
CA ASP A 62 31.08 2.18 -7.88
C ASP A 62 32.15 1.79 -8.92
N VAL A 63 31.98 0.66 -9.61
CA VAL A 63 33.06 0.10 -10.46
C VAL A 63 32.45 -0.69 -11.63
N ALA A 64 33.14 -0.66 -12.77
CA ALA A 64 32.77 -1.38 -14.00
C ALA A 64 33.82 -2.45 -14.32
N LEU A 65 33.40 -3.70 -14.52
CA LEU A 65 34.25 -4.76 -15.08
C LEU A 65 34.22 -4.66 -16.60
N LEU A 66 35.32 -4.27 -17.24
CA LEU A 66 35.39 -4.15 -18.73
C LEU A 66 35.70 -5.53 -19.32
N CYS A 67 34.66 -6.22 -19.77
CA CYS A 67 34.73 -7.56 -20.39
C CYS A 67 34.57 -7.42 -21.91
N SER A 68 35.30 -6.48 -22.51
CA SER A 68 35.20 -6.10 -23.94
C SER A 68 36.46 -6.55 -24.67
N PRO A 69 36.46 -6.54 -26.01
CA PRO A 69 37.67 -6.89 -26.77
C PRO A 69 38.86 -5.99 -26.39
N THR A 70 40.07 -6.54 -26.49
CA THR A 70 41.35 -5.85 -26.18
C THR A 70 41.37 -4.44 -26.77
N ARG A 71 41.06 -4.29 -28.06
CA ARG A 71 41.21 -3.02 -28.84
C ARG A 71 40.26 -1.95 -28.28
N ALA A 72 39.19 -2.32 -27.58
CA ALA A 72 38.15 -1.39 -27.08
C ALA A 72 38.48 -0.86 -25.68
N ILE A 73 39.36 -1.54 -24.93
CA ILE A 73 39.54 -1.34 -23.45
C ILE A 73 39.92 0.11 -23.18
N LYS A 74 40.90 0.68 -23.90
CA LYS A 74 41.43 2.02 -23.56
C LYS A 74 40.31 3.07 -23.63
N GLU A 75 39.65 3.22 -24.79
CA GLU A 75 38.59 4.24 -25.04
C GLU A 75 37.46 4.02 -24.04
N LEU A 76 37.12 2.76 -23.78
CA LEU A 76 36.00 2.35 -22.92
C LEU A 76 36.27 2.77 -21.47
N ALA A 77 37.49 2.56 -20.98
CA ALA A 77 37.92 2.86 -19.60
C ALA A 77 37.92 4.38 -19.38
N LYS A 78 38.47 5.17 -20.31
CA LYS A 78 38.48 6.65 -20.22
C LYS A 78 37.05 7.17 -20.10
N SER A 79 36.13 6.66 -20.93
CA SER A 79 34.71 7.06 -20.96
C SER A 79 34.09 6.81 -19.58
N ILE A 80 34.33 5.64 -19.00
CA ILE A 80 33.66 5.23 -17.72
C ILE A 80 34.34 5.92 -16.53
N LEU A 81 35.65 6.08 -16.55
CA LEU A 81 36.35 6.87 -15.51
C LEU A 81 35.77 8.29 -15.52
N SER A 82 35.52 8.83 -16.71
CA SER A 82 35.03 10.22 -16.94
C SER A 82 33.61 10.40 -16.37
N LEU A 83 32.85 9.33 -16.19
CA LEU A 83 31.52 9.38 -15.52
C LEU A 83 31.65 9.24 -14.00
N GLY A 84 32.87 9.15 -13.46
CA GLY A 84 33.10 8.99 -12.01
C GLY A 84 32.86 7.57 -11.52
N ILE A 85 33.22 6.58 -12.34
CA ILE A 85 33.12 5.13 -12.03
C ILE A 85 34.53 4.52 -12.16
N ASN A 86 34.89 3.61 -11.24
CA ASN A 86 36.16 2.85 -11.31
C ASN A 86 36.10 1.82 -12.43
N THR A 87 37.26 1.43 -12.96
CA THR A 87 37.36 0.42 -14.04
C THR A 87 38.35 -0.67 -13.64
N VAL A 88 38.00 -1.91 -13.95
CA VAL A 88 38.90 -3.09 -13.92
C VAL A 88 38.86 -3.73 -15.31
N ASP A 89 40.01 -4.05 -15.86
CA ASP A 89 40.09 -4.81 -17.14
C ASP A 89 41.09 -5.96 -16.98
N SER A 90 41.18 -6.84 -17.97
CA SER A 90 42.18 -7.93 -18.05
C SER A 90 43.01 -7.73 -19.32
N PHE A 91 43.19 -6.48 -19.75
CA PHE A 91 44.01 -6.10 -20.92
C PHE A 91 45.27 -6.97 -20.97
N ASP A 92 45.43 -7.76 -22.03
CA ASP A 92 46.36 -8.92 -22.06
C ASP A 92 47.60 -8.66 -22.94
N VAL A 93 47.78 -7.46 -23.48
CA VAL A 93 48.95 -7.17 -24.36
C VAL A 93 50.09 -6.61 -23.49
N HIS A 94 51.01 -7.49 -23.09
CA HIS A 94 52.09 -7.22 -22.09
C HIS A 94 52.88 -5.97 -22.49
N SER A 95 53.30 -5.87 -23.76
CA SER A 95 54.17 -4.77 -24.26
C SER A 95 53.49 -3.40 -24.15
N GLU A 96 52.16 -3.34 -23.99
CA GLU A 96 51.41 -2.05 -24.05
C GLU A 96 50.89 -1.66 -22.67
N ILE A 97 51.21 -2.41 -21.62
CA ILE A 97 50.63 -2.18 -20.26
C ILE A 97 51.11 -0.86 -19.68
N VAL A 98 52.40 -0.53 -19.81
CA VAL A 98 52.95 0.75 -19.30
C VAL A 98 52.23 1.93 -19.95
N SER A 99 51.97 1.90 -21.27
CA SER A 99 51.20 2.94 -22.03
C SER A 99 49.79 3.05 -21.47
N LEU A 100 49.08 1.93 -21.37
CA LEU A 100 47.67 1.93 -20.90
C LEU A 100 47.64 2.57 -19.51
N LYS A 101 48.59 2.23 -18.64
CA LYS A 101 48.61 2.73 -17.24
C LYS A 101 48.69 4.26 -17.24
N THR A 102 49.61 4.84 -18.01
CA THR A 102 49.81 6.31 -18.06
C THR A 102 48.59 7.01 -18.67
N GLU A 103 48.01 6.47 -19.73
CA GLU A 103 46.81 7.06 -20.39
C GLU A 103 45.69 7.13 -19.35
N LEU A 104 45.44 6.04 -18.64
CA LEU A 104 44.31 5.93 -17.67
C LEU A 104 44.64 6.68 -16.38
N ASP A 105 45.91 6.80 -16.00
CA ASP A 105 46.32 7.50 -14.74
C ASP A 105 45.87 8.97 -14.81
N ASP A 106 46.17 9.66 -15.92
CA ASP A 106 45.75 11.06 -16.23
C ASP A 106 44.26 11.19 -15.90
N VAL A 107 43.43 10.36 -16.54
CA VAL A 107 41.94 10.45 -16.53
C VAL A 107 41.41 10.06 -15.16
N ALA A 108 41.90 8.97 -14.57
CA ALA A 108 41.49 8.50 -13.23
C ALA A 108 41.70 9.62 -12.21
N LYS A 109 42.81 10.35 -12.32
CA LYS A 109 43.21 11.39 -11.34
C LYS A 109 42.32 12.62 -11.53
N LYS A 110 42.05 13.03 -12.77
CA LYS A 110 41.16 14.18 -13.06
C LYS A 110 39.79 13.94 -12.40
N HIS A 111 39.26 12.71 -12.46
CA HIS A 111 37.85 12.39 -12.02
C HIS A 111 37.85 11.69 -10.65
N ASP A 112 39.00 11.67 -9.98
CA ASP A 112 39.15 11.16 -8.59
C ASP A 112 38.68 9.70 -8.50
N ARG A 113 39.00 8.88 -9.51
CA ARG A 113 38.62 7.43 -9.56
C ARG A 113 39.88 6.56 -9.68
N VAL A 114 39.68 5.25 -9.59
CA VAL A 114 40.75 4.22 -9.67
C VAL A 114 40.49 3.33 -10.88
N ALA A 115 41.54 3.08 -11.66
CA ALA A 115 41.57 2.07 -12.74
C ALA A 115 42.57 1.00 -12.31
N VAL A 116 42.14 -0.26 -12.28
CA VAL A 116 43.05 -1.42 -12.15
C VAL A 116 43.08 -2.09 -13.52
N ILE A 117 44.25 -2.17 -14.13
CA ILE A 117 44.42 -2.73 -15.50
C ILE A 117 45.09 -4.11 -15.42
N SER A 118 44.88 -4.92 -16.45
CA SER A 118 45.64 -6.17 -16.71
C SER A 118 45.56 -7.08 -15.49
N ALA A 119 44.32 -7.28 -15.01
CA ALA A 119 43.97 -8.02 -13.77
C ALA A 119 43.28 -9.34 -14.14
N GLY A 120 43.86 -10.09 -15.08
CA GLY A 120 43.48 -11.49 -15.37
C GLY A 120 44.36 -12.44 -14.58
N TRP A 121 44.76 -13.57 -15.15
CA TRP A 121 45.79 -14.44 -14.50
C TRP A 121 47.16 -14.25 -15.16
N ASP A 122 47.22 -13.81 -16.42
CA ASP A 122 48.52 -13.44 -17.04
C ASP A 122 48.27 -12.58 -18.28
N PRO A 123 48.38 -11.24 -18.18
CA PRO A 123 48.80 -10.56 -16.95
C PRO A 123 47.74 -10.56 -15.83
N GLY A 124 48.22 -10.48 -14.58
CA GLY A 124 47.38 -10.51 -13.36
C GLY A 124 48.04 -11.30 -12.23
N SER A 125 47.37 -12.34 -11.73
CA SER A 125 47.85 -13.22 -10.62
C SER A 125 49.32 -13.58 -10.88
N ASP A 126 49.60 -14.17 -12.03
CA ASP A 126 50.96 -14.65 -12.39
C ASP A 126 51.97 -13.51 -12.19
N SER A 127 51.58 -12.27 -12.53
CA SER A 127 52.44 -11.08 -12.41
C SER A 127 52.89 -10.89 -10.96
N ILE A 128 51.98 -11.08 -10.01
CA ILE A 128 52.29 -10.99 -8.55
C ILE A 128 53.27 -12.12 -8.16
N VAL A 129 53.03 -13.35 -8.62
CA VAL A 129 53.94 -14.48 -8.31
C VAL A 129 55.35 -14.16 -8.87
N ARG A 130 55.46 -13.64 -10.09
CA ARG A 130 56.77 -13.33 -10.71
C ARG A 130 57.48 -12.25 -9.86
N THR A 131 56.71 -11.28 -9.36
CA THR A 131 57.21 -10.19 -8.50
C THR A 131 57.73 -10.79 -7.19
N LEU A 132 56.95 -11.67 -6.56
CA LEU A 132 57.33 -12.31 -5.28
C LEU A 132 58.64 -13.08 -5.48
N MET A 133 58.82 -13.69 -6.64
CA MET A 133 60.01 -14.53 -6.88
C MET A 133 61.28 -13.66 -6.88
N LEU A 134 61.20 -12.43 -7.38
CA LEU A 134 62.36 -11.50 -7.37
C LEU A 134 62.56 -10.96 -5.93
N ALA A 135 61.49 -10.85 -5.14
CA ALA A 135 61.58 -10.38 -3.75
C ALA A 135 62.28 -11.44 -2.90
N MET A 136 62.11 -12.72 -3.25
CA MET A 136 62.69 -13.88 -2.53
C MET A 136 64.10 -14.18 -3.04
N ALA A 137 64.39 -13.91 -4.31
CA ALA A 137 65.68 -14.21 -4.96
C ALA A 137 65.84 -13.33 -6.19
N PRO A 138 66.40 -12.11 -6.03
CA PRO A 138 66.42 -11.12 -7.10
C PRO A 138 67.25 -11.52 -8.32
N LYS A 139 68.30 -12.31 -8.13
CA LYS A 139 69.15 -12.82 -9.23
C LYS A 139 68.67 -14.21 -9.63
N GLY A 140 68.84 -14.55 -10.90
CA GLY A 140 68.43 -15.85 -11.48
C GLY A 140 67.44 -15.66 -12.59
N ILE A 141 66.76 -16.73 -12.98
CA ILE A 141 65.89 -16.77 -14.19
C ILE A 141 64.49 -17.25 -13.78
N THR A 142 63.46 -16.55 -14.25
CA THR A 142 62.03 -16.98 -14.17
C THR A 142 61.57 -17.42 -15.55
N TYR A 143 60.84 -18.53 -15.63
CA TYR A 143 60.16 -18.99 -16.87
C TYR A 143 58.66 -19.11 -16.56
N THR A 144 57.81 -18.73 -17.49
CA THR A 144 56.35 -18.90 -17.39
C THR A 144 55.92 -19.83 -18.53
N ASN A 145 55.38 -21.00 -18.20
CA ASN A 145 55.01 -22.08 -19.14
C ASN A 145 53.48 -22.24 -19.15
N PHE A 146 52.84 -21.98 -20.29
CA PHE A 146 51.36 -21.95 -20.43
C PHE A 146 50.83 -23.27 -20.97
N GLY A 147 49.68 -23.70 -20.47
CA GLY A 147 48.85 -24.76 -21.07
C GLY A 147 49.03 -26.10 -20.37
N PRO A 148 48.50 -27.20 -20.94
CA PRO A 148 47.77 -27.14 -22.21
C PRO A 148 46.50 -26.29 -22.07
N GLY A 149 46.23 -25.44 -23.07
CA GLY A 149 45.00 -24.63 -23.16
C GLY A 149 44.81 -24.05 -24.55
N MET A 150 43.62 -23.51 -24.84
CA MET A 150 43.32 -22.86 -26.14
C MET A 150 43.99 -21.49 -26.18
N SER A 151 44.53 -21.09 -27.33
CA SER A 151 44.99 -19.70 -27.62
C SER A 151 44.05 -19.09 -28.66
N MET A 152 43.19 -18.15 -28.23
CA MET A 152 42.25 -17.38 -29.09
C MET A 152 43.05 -16.69 -30.21
N GLY A 153 44.10 -15.93 -29.85
CA GLY A 153 44.97 -15.23 -30.82
C GLY A 153 45.38 -16.15 -31.96
N HIS A 154 45.90 -17.33 -31.63
CA HIS A 154 46.47 -18.32 -32.58
C HIS A 154 45.34 -19.02 -33.35
N SER A 155 44.19 -19.25 -32.72
CA SER A 155 43.00 -19.85 -33.38
C SER A 155 42.56 -18.92 -34.53
N VAL A 156 42.36 -17.64 -34.22
CA VAL A 156 42.00 -16.55 -35.18
C VAL A 156 43.00 -16.52 -36.35
N ALA A 157 44.29 -16.42 -36.04
CA ALA A 157 45.40 -16.35 -37.02
C ALA A 157 45.33 -17.52 -38.00
N ALA A 158 44.95 -18.71 -37.54
CA ALA A 158 44.90 -19.93 -38.38
C ALA A 158 43.60 -19.92 -39.20
N LYS A 159 42.47 -19.50 -38.59
CA LYS A 159 41.13 -19.38 -39.24
C LYS A 159 41.24 -18.43 -40.45
N ALA A 160 41.99 -17.33 -40.26
CA ALA A 160 42.19 -16.24 -41.24
C ALA A 160 43.21 -16.62 -42.32
N ILE A 161 43.32 -17.90 -42.68
CA ILE A 161 44.19 -18.37 -43.79
C ILE A 161 43.29 -19.03 -44.85
N GLU A 162 43.73 -19.02 -46.12
CA GLU A 162 42.97 -19.58 -47.27
C GLU A 162 42.88 -21.10 -47.08
N GLY A 163 41.66 -21.65 -47.17
CA GLY A 163 41.40 -23.11 -47.13
C GLY A 163 40.88 -23.56 -45.78
N VAL A 164 40.87 -22.65 -44.80
CA VAL A 164 40.54 -22.93 -43.38
C VAL A 164 39.14 -22.37 -43.10
N LYS A 165 38.15 -23.25 -42.93
CA LYS A 165 36.77 -22.88 -42.53
C LYS A 165 36.84 -22.45 -41.05
N ASP A 166 37.33 -23.35 -40.19
CA ASP A 166 37.47 -23.12 -38.72
C ASP A 166 38.81 -23.70 -38.26
N ALA A 167 39.30 -23.24 -37.11
CA ALA A 167 40.60 -23.66 -36.54
C ALA A 167 40.55 -23.56 -35.01
N LEU A 168 41.30 -24.44 -34.35
CA LEU A 168 41.59 -24.39 -32.90
C LEU A 168 43.10 -24.58 -32.72
N SER A 169 43.78 -23.62 -32.07
CA SER A 169 45.21 -23.72 -31.71
C SER A 169 45.34 -24.00 -30.22
N MET A 170 46.03 -25.09 -29.86
CA MET A 170 46.38 -25.46 -28.47
C MET A 170 47.81 -25.00 -28.17
N THR A 171 48.02 -24.44 -26.99
CA THR A 171 49.35 -24.06 -26.47
C THR A 171 49.82 -25.16 -25.54
N ILE A 172 50.98 -25.73 -25.81
CA ILE A 172 51.56 -26.88 -25.04
C ILE A 172 52.89 -26.44 -24.44
N PRO A 173 53.08 -26.54 -23.12
CA PRO A 173 54.34 -26.13 -22.51
C PRO A 173 55.43 -27.19 -22.69
N LEU A 174 56.61 -26.77 -23.16
CA LEU A 174 57.81 -27.64 -23.31
C LEU A 174 58.93 -27.18 -22.36
N GLY A 175 58.64 -26.25 -21.44
CA GLY A 175 59.61 -25.75 -20.44
C GLY A 175 60.37 -24.53 -20.93
N THR A 176 61.03 -23.82 -20.00
CA THR A 176 61.87 -22.62 -20.26
C THR A 176 61.20 -21.69 -21.29
N GLY A 177 59.88 -21.51 -21.16
CA GLY A 177 59.06 -20.54 -21.91
C GLY A 177 58.86 -20.93 -23.38
N VAL A 178 59.30 -22.12 -23.77
CA VAL A 178 59.17 -22.66 -25.16
C VAL A 178 57.84 -23.41 -25.27
N HIS A 179 57.12 -23.21 -26.37
CA HIS A 179 55.73 -23.69 -26.57
C HIS A 179 55.66 -24.49 -27.86
N ARG A 180 54.88 -25.56 -27.83
CA ARG A 180 54.44 -26.34 -29.02
C ARG A 180 53.03 -25.87 -29.34
N ARG A 181 52.68 -25.75 -30.61
CA ARG A 181 51.30 -25.36 -31.01
C ARG A 181 50.68 -26.52 -31.77
N MET A 182 49.58 -27.05 -31.26
CA MET A 182 48.79 -28.10 -31.94
C MET A 182 47.58 -27.42 -32.57
N VAL A 183 47.55 -27.37 -33.90
CA VAL A 183 46.47 -26.66 -34.65
C VAL A 183 45.58 -27.71 -35.30
N TYR A 184 44.28 -27.63 -35.00
CA TYR A 184 43.22 -28.50 -35.58
C TYR A 184 42.40 -27.63 -36.54
N VAL A 185 42.26 -28.09 -37.80
CA VAL A 185 41.58 -27.30 -38.89
C VAL A 185 40.44 -28.11 -39.51
N GLU A 186 39.33 -27.41 -39.72
CA GLU A 186 38.23 -27.74 -40.66
C GLU A 186 38.58 -27.07 -42.01
N LEU A 187 38.75 -27.87 -43.07
CA LEU A 187 39.10 -27.36 -44.43
C LEU A 187 37.83 -26.89 -45.17
N GLU A 188 37.92 -25.79 -45.92
CA GLU A 188 36.82 -25.36 -46.84
C GLU A 188 36.70 -26.42 -47.93
N ALA A 189 35.47 -26.78 -48.34
CA ALA A 189 35.16 -27.79 -49.38
C ALA A 189 36.12 -27.54 -50.56
N GLY A 190 37.04 -28.47 -50.84
CA GLY A 190 37.94 -28.41 -52.01
C GLY A 190 39.31 -27.79 -51.77
N ALA A 191 39.69 -27.44 -50.54
CA ALA A 191 41.03 -26.88 -50.20
C ALA A 191 42.07 -28.01 -50.16
N ASN A 192 43.35 -27.65 -50.36
CA ASN A 192 44.50 -28.59 -50.40
C ASN A 192 45.21 -28.58 -49.05
N PHE A 193 45.24 -29.72 -48.35
CA PHE A 193 45.76 -29.81 -46.96
C PHE A 193 47.20 -29.26 -46.90
N ASN A 194 48.11 -29.77 -47.75
CA ASN A 194 49.56 -29.50 -47.62
C ASN A 194 49.84 -28.01 -47.82
N GLN A 195 49.04 -27.30 -48.61
CA GLN A 195 49.17 -25.82 -48.82
C GLN A 195 48.79 -25.13 -47.51
N VAL A 196 47.66 -25.52 -46.94
CA VAL A 196 47.08 -24.94 -45.68
C VAL A 196 48.09 -25.14 -44.54
N GLU A 197 48.57 -26.38 -44.37
CA GLU A 197 49.56 -26.80 -43.35
C GLU A 197 50.81 -25.90 -43.45
N GLN A 198 51.46 -25.81 -44.62
CA GLN A 198 52.70 -25.02 -44.83
C GLN A 198 52.47 -23.54 -44.55
N ALA A 199 51.27 -23.05 -44.90
CA ALA A 199 50.87 -21.62 -44.78
C ALA A 199 50.70 -21.26 -43.31
N ILE A 200 50.08 -22.16 -42.53
CA ILE A 200 49.88 -22.01 -41.06
C ILE A 200 51.26 -22.00 -40.38
N LYS A 201 52.13 -22.93 -40.77
CA LYS A 201 53.47 -23.11 -40.16
C LYS A 201 54.37 -21.91 -40.49
N ALA A 202 54.15 -21.25 -41.64
CA ALA A 202 54.98 -20.12 -42.14
C ALA A 202 54.41 -18.78 -41.64
N ASP A 203 53.13 -18.72 -41.24
CA ASP A 203 52.48 -17.48 -40.73
C ASP A 203 53.30 -16.93 -39.55
N SER A 204 53.31 -15.62 -39.34
CA SER A 204 54.16 -14.94 -38.32
C SER A 204 53.78 -15.40 -36.90
N TYR A 205 52.53 -15.78 -36.68
CA TYR A 205 52.02 -16.22 -35.35
C TYR A 205 52.57 -17.60 -34.97
N PHE A 206 53.15 -18.38 -35.90
CA PHE A 206 53.52 -19.81 -35.70
C PHE A 206 54.96 -20.13 -36.12
N SER A 207 55.63 -19.25 -36.85
CA SER A 207 56.92 -19.56 -37.54
C SER A 207 58.05 -19.66 -36.51
N SER A 208 57.92 -19.05 -35.33
CA SER A 208 58.92 -19.11 -34.23
C SER A 208 58.84 -20.43 -33.46
N ASP A 209 57.73 -21.18 -33.59
CA ASP A 209 57.34 -22.25 -32.66
C ASP A 209 57.16 -23.56 -33.41
N GLU A 210 57.52 -24.66 -32.77
CA GLU A 210 57.16 -26.03 -33.21
C GLU A 210 55.65 -26.05 -33.34
N THR A 211 55.16 -26.28 -34.56
CA THR A 211 53.71 -26.23 -34.90
C THR A 211 53.33 -27.51 -35.64
N HIS A 212 52.28 -28.18 -35.19
CA HIS A 212 51.67 -29.38 -35.82
C HIS A 212 50.27 -29.01 -36.29
N VAL A 213 49.84 -29.54 -37.43
CA VAL A 213 48.49 -29.27 -37.99
C VAL A 213 47.83 -30.61 -38.31
N LYS A 214 46.63 -30.84 -37.80
CA LYS A 214 45.82 -32.05 -38.09
C LYS A 214 44.46 -31.57 -38.61
N GLN A 215 43.93 -32.27 -39.61
CA GLN A 215 42.58 -31.98 -40.18
C GLN A 215 41.56 -32.74 -39.34
N VAL A 216 40.41 -32.13 -39.07
CA VAL A 216 39.29 -32.76 -38.30
C VAL A 216 37.96 -32.38 -38.94
N ASP A 217 36.90 -33.14 -38.62
CA ASP A 217 35.49 -32.87 -39.03
C ASP A 217 34.96 -31.64 -38.26
N SER A 218 34.84 -31.75 -36.93
CA SER A 218 34.28 -30.73 -36.00
C SER A 218 35.40 -30.22 -35.09
N VAL A 219 35.80 -28.96 -35.22
CA VAL A 219 36.74 -28.26 -34.30
C VAL A 219 36.06 -28.00 -32.94
N ASP A 220 34.75 -27.79 -32.92
CA ASP A 220 34.02 -27.39 -31.69
C ASP A 220 34.11 -28.47 -30.61
N SER A 221 34.06 -29.75 -30.98
CA SER A 221 34.04 -30.87 -30.00
C SER A 221 35.42 -31.03 -29.33
N LEU A 222 36.45 -30.32 -29.78
CA LEU A 222 37.80 -30.37 -29.18
C LEU A 222 37.95 -29.27 -28.12
N LYS A 223 37.09 -28.25 -28.15
CA LYS A 223 37.24 -27.02 -27.34
C LYS A 223 37.03 -27.36 -25.86
N ASP A 224 37.95 -26.86 -25.02
CA ASP A 224 37.85 -26.89 -23.55
C ASP A 224 38.56 -25.66 -22.98
N VAL A 225 37.91 -24.93 -22.07
CA VAL A 225 38.40 -23.61 -21.57
C VAL A 225 39.33 -23.86 -20.38
N GLY A 226 39.63 -25.12 -20.07
CA GLY A 226 40.72 -25.46 -19.13
C GLY A 226 42.03 -24.87 -19.61
N HIS A 227 42.86 -24.41 -18.69
CA HIS A 227 44.21 -23.89 -19.03
C HIS A 227 45.13 -24.13 -17.83
N GLY A 228 46.32 -23.56 -17.85
CA GLY A 228 47.24 -23.77 -16.73
C GLY A 228 48.54 -23.04 -16.91
N VAL A 229 49.34 -23.04 -15.87
CA VAL A 229 50.67 -22.40 -15.91
C VAL A 229 51.57 -23.21 -14.99
N HIS A 230 52.84 -23.25 -15.35
CA HIS A 230 53.94 -23.74 -14.48
C HIS A 230 55.00 -22.65 -14.53
N MET A 231 55.17 -21.88 -13.45
CA MET A 231 56.27 -20.89 -13.33
C MET A 231 57.39 -21.50 -12.48
N THR A 232 58.64 -21.28 -12.94
CA THR A 232 59.88 -21.68 -12.22
C THR A 232 60.71 -20.43 -11.98
N HIS A 233 61.37 -20.38 -10.85
CA HIS A 233 62.46 -19.42 -10.54
C HIS A 233 63.58 -20.23 -9.91
N LYS A 234 64.77 -20.12 -10.48
CA LYS A 234 66.04 -20.67 -9.92
C LYS A 234 66.98 -19.47 -9.76
N GLY A 235 67.40 -19.16 -8.53
CA GLY A 235 68.26 -17.98 -8.34
C GLY A 235 68.82 -17.86 -6.94
N VAL A 236 69.27 -16.64 -6.65
CA VAL A 236 70.14 -16.32 -5.49
C VAL A 236 69.34 -15.49 -4.49
N SER A 237 69.23 -15.98 -3.25
CA SER A 237 68.78 -15.20 -2.08
C SER A 237 70.04 -14.70 -1.38
N GLY A 238 70.27 -13.38 -1.42
CA GLY A 238 71.51 -12.75 -0.92
C GLY A 238 72.68 -13.20 -1.76
N LYS A 239 73.48 -14.13 -1.22
CA LYS A 239 74.65 -14.73 -1.91
C LYS A 239 74.52 -16.26 -1.96
N THR A 240 73.36 -16.81 -1.58
CA THR A 240 73.08 -18.26 -1.54
C THR A 240 72.38 -18.67 -2.85
N HIS A 241 73.03 -19.53 -3.65
CA HIS A 241 72.56 -19.97 -4.99
C HIS A 241 71.68 -21.22 -4.87
N ASN A 242 70.99 -21.54 -5.98
CA ASN A 242 70.22 -22.79 -6.18
C ASN A 242 68.99 -22.75 -5.26
N GLN A 243 68.38 -21.58 -5.10
CA GLN A 243 67.03 -21.42 -4.48
C GLN A 243 66.03 -21.78 -5.58
N LEU A 244 65.18 -22.78 -5.32
CA LEU A 244 64.23 -23.32 -6.33
C LEU A 244 62.81 -23.00 -5.90
N PHE A 245 62.05 -22.31 -6.75
CA PHE A 245 60.63 -21.95 -6.53
C PHE A 245 59.83 -22.34 -7.77
N GLU A 246 58.58 -22.73 -7.54
CA GLU A 246 57.69 -23.31 -8.56
C GLU A 246 56.25 -22.94 -8.17
N TYR A 247 55.44 -22.55 -9.16
CA TYR A 247 53.99 -22.32 -9.00
C TYR A 247 53.26 -22.98 -10.17
N SER A 248 52.20 -23.72 -9.87
CA SER A 248 51.36 -24.44 -10.86
C SER A 248 49.90 -24.14 -10.59
N MET A 249 49.09 -24.19 -11.64
CA MET A 249 47.63 -24.29 -11.50
C MET A 249 47.06 -24.97 -12.74
N ARG A 250 46.00 -25.75 -12.52
CA ARG A 250 45.10 -26.33 -13.52
C ARG A 250 43.74 -25.68 -13.25
N ILE A 251 43.27 -24.82 -14.16
CA ILE A 251 42.14 -23.90 -13.86
C ILE A 251 41.21 -23.77 -15.07
N ASN A 252 39.98 -23.33 -14.79
CA ASN A 252 39.03 -22.83 -15.80
C ASN A 252 39.45 -21.41 -16.15
N ASN A 253 39.81 -21.15 -17.40
CA ASN A 253 40.45 -19.89 -17.87
C ASN A 253 39.54 -18.69 -17.57
N PRO A 254 38.37 -18.55 -18.23
CA PRO A 254 37.48 -17.41 -17.97
C PRO A 254 36.99 -17.29 -16.52
N ALA A 255 36.79 -18.41 -15.82
CA ALA A 255 36.32 -18.40 -14.40
C ALA A 255 37.36 -17.68 -13.54
N LEU A 256 38.65 -17.99 -13.74
CA LEU A 256 39.75 -17.36 -12.95
C LEU A 256 39.91 -15.91 -13.39
N THR A 257 39.98 -15.63 -14.68
CA THR A 257 40.13 -14.25 -15.21
C THR A 257 39.06 -13.34 -14.57
N SER A 258 37.81 -13.74 -14.66
CA SER A 258 36.66 -12.95 -14.16
C SER A 258 36.74 -12.83 -12.63
N GLN A 259 37.10 -13.90 -11.93
CA GLN A 259 37.15 -13.87 -10.44
C GLN A 259 38.24 -12.92 -9.98
N PHE A 260 39.41 -12.93 -10.64
CA PHE A 260 40.52 -12.01 -10.23
C PHE A 260 40.09 -10.57 -10.49
N MET A 261 39.32 -10.33 -11.55
CA MET A 261 38.81 -8.98 -11.92
C MET A 261 37.87 -8.48 -10.81
N VAL A 262 37.03 -9.37 -10.28
CA VAL A 262 36.11 -9.02 -9.16
C VAL A 262 36.97 -8.68 -7.92
N SER A 263 37.95 -9.52 -7.59
CA SER A 263 38.89 -9.25 -6.48
C SER A 263 39.59 -7.89 -6.70
N ALA A 264 39.98 -7.57 -7.93
CA ALA A 264 40.65 -6.30 -8.28
C ALA A 264 39.69 -5.11 -8.08
N ALA A 265 38.44 -5.30 -8.45
CA ALA A 265 37.37 -4.28 -8.31
C ALA A 265 37.22 -3.97 -6.82
N ARG A 266 37.23 -5.01 -5.98
CA ARG A 266 37.15 -4.84 -4.51
C ARG A 266 38.34 -3.97 -4.07
N ALA A 267 39.54 -4.29 -4.56
CA ALA A 267 40.77 -3.57 -4.21
C ALA A 267 40.70 -2.13 -4.69
N SER A 268 40.07 -1.89 -5.85
CA SER A 268 39.99 -0.54 -6.49
C SER A 268 39.37 0.47 -5.52
N MET A 269 38.48 0.02 -4.64
CA MET A 269 37.72 0.91 -3.73
C MET A 269 38.60 1.42 -2.60
N LYS A 270 39.83 0.92 -2.43
CA LYS A 270 40.70 1.26 -1.28
C LYS A 270 41.99 1.95 -1.70
N GLN A 271 42.13 2.35 -2.97
CA GLN A 271 43.36 2.99 -3.48
C GLN A 271 43.14 4.50 -3.64
N ARG A 272 44.22 5.27 -3.60
CA ARG A 272 44.21 6.70 -3.97
C ARG A 272 43.98 6.77 -5.48
N ALA A 273 43.31 7.82 -5.93
CA ALA A 273 42.98 8.03 -7.36
C ALA A 273 44.20 7.72 -8.22
N GLY A 274 44.01 6.97 -9.30
CA GLY A 274 45.04 6.70 -10.32
C GLY A 274 44.82 5.36 -11.00
N ALA A 275 45.76 4.99 -11.87
CA ALA A 275 45.77 3.68 -12.58
C ALA A 275 46.87 2.84 -11.95
N TYR A 276 46.63 1.53 -11.86
CA TYR A 276 47.46 0.53 -11.14
C TYR A 276 47.48 -0.78 -11.91
N THR A 277 48.65 -1.38 -12.06
CA THR A 277 48.81 -2.84 -12.30
C THR A 277 48.59 -3.53 -10.95
N VAL A 278 48.36 -4.84 -10.95
CA VAL A 278 48.01 -5.59 -9.71
C VAL A 278 49.24 -5.77 -8.80
N ILE A 279 50.45 -5.53 -9.31
CA ILE A 279 51.69 -5.61 -8.48
C ILE A 279 51.85 -4.29 -7.69
N GLU A 280 50.98 -3.30 -7.89
CA GLU A 280 51.02 -2.00 -7.17
C GLU A 280 49.92 -1.92 -6.12
N ILE A 281 49.19 -3.01 -5.90
CA ILE A 281 48.08 -3.10 -4.92
C ILE A 281 48.53 -4.03 -3.80
N PRO A 282 48.32 -3.66 -2.52
CA PRO A 282 48.51 -4.59 -1.43
C PRO A 282 47.61 -5.83 -1.58
N PRO A 283 48.16 -7.05 -1.58
CA PRO A 283 47.37 -8.25 -1.86
C PRO A 283 46.12 -8.39 -0.98
N VAL A 284 46.14 -7.97 0.29
CA VAL A 284 44.98 -8.17 1.21
C VAL A 284 43.79 -7.33 0.72
N ASP A 285 44.03 -6.24 -0.02
CA ASP A 285 42.96 -5.35 -0.55
C ASP A 285 42.09 -6.10 -1.57
N PHE A 286 42.56 -7.20 -2.13
CA PHE A 286 41.78 -8.06 -3.04
C PHE A 286 40.70 -8.83 -2.28
N LEU A 287 40.72 -8.89 -0.94
CA LEU A 287 39.88 -9.84 -0.17
C LEU A 287 38.76 -9.14 0.61
N ALA A 288 37.62 -9.82 0.67
CA ALA A 288 36.47 -9.48 1.54
C ALA A 288 36.82 -9.87 2.98
N GLY A 289 36.34 -9.09 3.95
CA GLY A 289 36.38 -9.45 5.38
C GLY A 289 37.10 -8.41 6.22
N ASP A 290 37.19 -8.69 7.52
CA ASP A 290 37.78 -7.80 8.54
C ASP A 290 39.30 -7.97 8.44
N LEU A 291 40.04 -6.87 8.27
CA LEU A 291 41.53 -6.90 8.14
C LEU A 291 42.11 -7.88 9.15
N ASN A 292 41.81 -7.72 10.44
CA ASN A 292 42.49 -8.47 11.53
C ASN A 292 42.13 -9.96 11.44
N THR A 293 40.91 -10.31 11.03
CA THR A 293 40.51 -11.73 10.87
C THR A 293 41.35 -12.34 9.74
N LEU A 294 41.49 -11.58 8.65
CA LEU A 294 42.28 -11.98 7.44
C LEU A 294 43.74 -12.17 7.83
N ILE A 295 44.30 -11.24 8.60
CA ILE A 295 45.73 -11.29 9.02
C ILE A 295 45.95 -12.56 9.85
N ALA A 296 45.08 -12.81 10.83
CA ALA A 296 45.13 -13.99 11.73
C ALA A 296 45.07 -15.27 10.89
N LYS A 297 44.26 -15.28 9.83
CA LYS A 297 44.00 -16.48 8.99
C LYS A 297 45.17 -16.75 8.05
N LEU A 298 45.83 -15.71 7.53
CA LEU A 298 46.68 -15.77 6.31
C LEU A 298 48.16 -15.61 6.63
N VAL A 299 48.53 -14.75 7.58
CA VAL A 299 49.94 -14.30 7.72
C VAL A 299 50.72 -15.32 8.55
N THR B 3 -6.18 43.79 16.74
CA THR B 3 -5.82 42.32 16.67
C THR B 3 -7.07 41.44 16.88
N LYS B 4 -8.16 41.97 17.46
CA LYS B 4 -9.38 41.19 17.82
C LYS B 4 -10.33 41.09 16.62
N ILE B 5 -10.89 39.92 16.32
CA ILE B 5 -11.81 39.71 15.16
C ILE B 5 -13.19 40.27 15.54
N LYS B 6 -13.64 41.30 14.82
CA LYS B 6 -14.84 42.09 15.18
C LYS B 6 -16.03 41.53 14.40
N VAL B 7 -17.01 41.00 15.12
CA VAL B 7 -18.10 40.17 14.53
C VAL B 7 -19.47 40.78 14.84
N ALA B 8 -20.32 40.81 13.81
CA ALA B 8 -21.76 41.15 13.93
C ALA B 8 -22.57 39.88 13.74
N ILE B 9 -23.63 39.69 14.52
CA ILE B 9 -24.57 38.54 14.35
C ILE B 9 -25.82 39.06 13.62
N VAL B 10 -26.09 38.55 12.42
CA VAL B 10 -27.23 38.99 11.58
C VAL B 10 -28.30 37.90 11.60
N GLY B 11 -29.51 38.24 12.06
CA GLY B 11 -30.58 37.28 12.42
C GLY B 11 -30.35 36.81 13.83
N TYR B 12 -31.40 36.47 14.56
CA TYR B 12 -31.30 36.01 15.98
C TYR B 12 -32.38 34.97 16.24
N GLY B 13 -32.39 33.88 15.46
CA GLY B 13 -33.19 32.68 15.76
C GLY B 13 -32.62 31.93 16.94
N ASN B 14 -32.70 30.59 16.90
CA ASN B 14 -32.08 29.73 17.94
C ASN B 14 -30.57 29.81 17.77
N ILE B 15 -30.07 29.77 16.54
CA ILE B 15 -28.61 29.82 16.22
C ILE B 15 -28.04 31.15 16.74
N GLY B 16 -28.83 32.21 16.69
CA GLY B 16 -28.42 33.56 17.08
C GLY B 16 -27.97 33.63 18.53
N ARG B 17 -28.78 33.12 19.46
CA ARG B 17 -28.50 33.17 20.92
CA ARG B 17 -28.51 33.16 20.92
C ARG B 17 -27.23 32.37 21.19
N PHE B 18 -27.04 31.25 20.49
CA PHE B 18 -25.88 30.35 20.71
C PHE B 18 -24.64 30.97 20.06
N ALA B 19 -24.80 31.65 18.91
CA ALA B 19 -23.72 32.43 18.26
C ALA B 19 -23.19 33.49 19.23
N LEU B 20 -24.08 34.16 19.95
CA LEU B 20 -23.69 35.19 20.95
C LEU B 20 -22.79 34.55 22.00
N GLU B 21 -23.23 33.40 22.52
CA GLU B 21 -22.48 32.63 23.54
C GLU B 21 -21.09 32.26 22.97
N ALA B 22 -21.02 31.79 21.73
CA ALA B 22 -19.78 31.28 21.10
C ALA B 22 -18.81 32.44 20.91
N VAL B 23 -19.31 33.59 20.46
CA VAL B 23 -18.51 34.82 20.25
C VAL B 23 -17.96 35.31 21.60
N GLN B 24 -18.79 35.37 22.63
CA GLN B 24 -18.37 35.89 23.96
C GLN B 24 -17.27 34.99 24.53
N ALA B 25 -17.39 33.67 24.35
CA ALA B 25 -16.46 32.64 24.90
C ALA B 25 -15.10 32.72 24.22
N ALA B 26 -15.04 33.10 22.94
CA ALA B 26 -13.81 33.24 22.13
C ALA B 26 -13.06 34.53 22.51
N GLN B 27 -11.89 34.41 23.15
CA GLN B 27 -11.10 35.59 23.60
C GLN B 27 -10.63 36.38 22.38
N ASP B 28 -10.48 35.75 21.22
CA ASP B 28 -9.93 36.42 20.02
C ASP B 28 -11.05 37.13 19.24
N PHE B 29 -12.31 37.06 19.71
CA PHE B 29 -13.48 37.70 19.06
C PHE B 29 -14.06 38.82 19.94
N GLU B 30 -14.50 39.89 19.31
CA GLU B 30 -15.19 41.05 19.94
C GLU B 30 -16.56 41.18 19.28
N LEU B 31 -17.63 41.04 20.06
CA LEU B 31 -19.02 41.19 19.56
C LEU B 31 -19.34 42.67 19.38
N VAL B 32 -19.50 43.14 18.15
CA VAL B 32 -19.67 44.62 17.96
C VAL B 32 -21.21 44.87 17.86
N GLY B 33 -22.04 43.82 17.77
CA GLY B 33 -23.50 43.96 17.96
C GLY B 33 -24.34 42.92 17.23
N VAL B 34 -25.67 43.01 17.32
CA VAL B 34 -26.66 42.09 16.69
C VAL B 34 -27.56 42.87 15.73
N VAL B 35 -27.78 42.34 14.52
CA VAL B 35 -28.61 42.96 13.45
C VAL B 35 -29.88 42.12 13.30
N ARG B 36 -31.07 42.65 13.55
CA ARG B 36 -32.37 41.96 13.28
C ARG B 36 -33.46 42.96 12.89
N ARG B 37 -34.55 42.46 12.30
CA ARG B 37 -35.68 43.25 11.76
C ARG B 37 -36.41 43.95 12.90
N ASP B 38 -36.74 43.22 13.99
CA ASP B 38 -37.43 43.80 15.19
C ASP B 38 -36.39 44.12 16.27
N ILE B 39 -36.00 45.40 16.38
CA ILE B 39 -34.94 45.87 17.33
C ILE B 39 -35.51 46.04 18.74
N ASN B 40 -36.83 45.89 18.94
CA ASN B 40 -37.51 46.24 20.22
C ASN B 40 -37.83 44.97 21.02
N ASN B 41 -37.89 43.82 20.35
CA ASN B 41 -37.76 42.48 20.98
C ASN B 41 -36.30 42.30 21.44
N VAL B 42 -36.04 42.43 22.73
CA VAL B 42 -34.70 42.24 23.34
C VAL B 42 -34.87 41.27 24.51
N PRO B 43 -34.48 39.98 24.35
CA PRO B 43 -34.44 39.03 25.47
C PRO B 43 -33.32 39.37 26.47
N GLU B 44 -33.36 38.78 27.68
CA GLU B 44 -32.46 39.14 28.83
C GLU B 44 -31.02 39.39 28.34
N GLU B 45 -30.50 38.51 27.47
CA GLU B 45 -29.05 38.44 27.10
C GLU B 45 -28.66 39.60 26.15
N LEU B 46 -29.64 40.28 25.54
CA LEU B 46 -29.40 41.40 24.59
C LEU B 46 -29.66 42.76 25.25
N GLN B 47 -29.81 42.83 26.58
CA GLN B 47 -30.17 44.09 27.28
C GLN B 47 -29.04 45.11 27.08
N ASN B 48 -27.78 44.67 27.21
CA ASN B 48 -26.57 45.53 27.17
C ASN B 48 -25.82 45.32 25.86
N ILE B 49 -26.47 44.69 24.87
CA ILE B 49 -25.89 44.46 23.52
C ILE B 49 -26.54 45.46 22.54
N THR B 50 -25.71 46.11 21.72
CA THR B 50 -26.18 46.98 20.62
C THR B 50 -27.02 46.14 19.64
N VAL B 51 -28.29 46.50 19.43
CA VAL B 51 -29.23 45.81 18.50
C VAL B 51 -29.75 46.82 17.48
N THR B 52 -29.53 46.58 16.21
CA THR B 52 -29.77 47.54 15.10
C THR B 52 -30.43 46.77 13.98
N ASN B 53 -30.98 47.45 12.97
CA ASN B 53 -31.56 46.78 11.78
C ASN B 53 -30.66 47.08 10.59
N ASP B 54 -29.50 47.68 10.83
CA ASP B 54 -28.54 48.07 9.76
C ASP B 54 -27.13 47.94 10.33
N ILE B 55 -26.35 47.07 9.70
CA ILE B 55 -25.00 46.66 10.18
C ILE B 55 -24.06 47.88 10.19
N LYS B 56 -24.33 48.90 9.38
CA LYS B 56 -23.47 50.12 9.25
C LYS B 56 -23.38 50.86 10.58
N THR B 57 -24.42 50.80 11.42
CA THR B 57 -24.49 51.53 12.71
C THR B 57 -23.57 50.89 13.76
N LEU B 58 -22.96 49.74 13.48
CA LEU B 58 -22.10 49.03 14.45
C LEU B 58 -20.64 49.52 14.36
N GLY B 59 -20.32 50.30 13.34
CA GLY B 59 -18.94 50.75 13.09
C GLY B 59 -18.12 49.66 12.44
N ASP B 60 -16.91 49.41 12.93
CA ASP B 60 -15.90 48.58 12.21
C ASP B 60 -16.23 47.12 12.51
N VAL B 61 -16.58 46.38 11.47
CA VAL B 61 -16.95 44.93 11.54
C VAL B 61 -16.10 44.16 10.55
N ASP B 62 -15.33 43.18 11.03
CA ASP B 62 -14.50 42.30 10.19
C ASP B 62 -15.39 41.25 9.50
N VAL B 63 -16.35 40.67 10.23
CA VAL B 63 -17.11 39.50 9.70
C VAL B 63 -18.52 39.47 10.31
N ALA B 64 -19.48 39.00 9.53
CA ALA B 64 -20.89 38.84 9.94
C ALA B 64 -21.26 37.35 9.96
N LEU B 65 -21.81 36.87 11.07
CA LEU B 65 -22.43 35.53 11.16
C LEU B 65 -23.87 35.64 10.70
N LEU B 66 -24.23 35.08 9.54
CA LEU B 66 -25.62 35.14 9.01
C LEU B 66 -26.43 34.00 9.64
N CYS B 67 -27.18 34.32 10.69
CA CYS B 67 -28.08 33.38 11.43
C CYS B 67 -29.53 33.63 11.02
N SER B 68 -29.79 33.74 9.71
CA SER B 68 -31.09 34.15 9.12
C SER B 68 -31.71 32.94 8.45
N PRO B 69 -33.01 33.00 8.07
CA PRO B 69 -33.64 31.91 7.30
C PRO B 69 -32.88 31.64 6.00
N THR B 70 -32.91 30.39 5.56
CA THR B 70 -32.25 29.87 4.33
C THR B 70 -32.50 30.83 3.16
N ARG B 71 -33.76 31.22 2.91
CA ARG B 71 -34.20 32.00 1.72
C ARG B 71 -33.53 33.39 1.72
N ALA B 72 -33.09 33.91 2.88
CA ALA B 72 -32.54 35.27 3.01
C ALA B 72 -31.02 35.30 2.78
N ILE B 73 -30.33 34.16 2.91
CA ILE B 73 -28.84 34.10 3.04
C ILE B 73 -28.19 34.74 1.82
N LYS B 74 -28.60 34.39 0.60
CA LYS B 74 -27.87 34.83 -0.62
C LYS B 74 -27.84 36.36 -0.71
N GLU B 75 -29.03 37.01 -0.73
CA GLU B 75 -29.15 38.49 -0.90
C GLU B 75 -28.45 39.18 0.27
N LEU B 76 -28.56 38.61 1.46
CA LEU B 76 -28.02 39.18 2.72
C LEU B 76 -26.49 39.20 2.64
N ALA B 77 -25.89 38.11 2.17
CA ALA B 77 -24.42 37.93 2.05
C ALA B 77 -23.84 38.90 1.02
N LYS B 78 -24.46 39.03 -0.15
CA LYS B 78 -24.05 40.00 -1.21
C LYS B 78 -24.04 41.43 -0.65
N SER B 79 -25.09 41.82 0.06
CA SER B 79 -25.23 43.16 0.67
C SER B 79 -24.03 43.42 1.60
N ILE B 80 -23.72 42.45 2.46
CA ILE B 80 -22.72 42.64 3.54
C ILE B 80 -21.30 42.52 2.96
N LEU B 81 -21.09 41.63 1.99
CA LEU B 81 -19.78 41.55 1.27
C LEU B 81 -19.53 42.90 0.60
N SER B 82 -20.59 43.49 0.04
CA SER B 82 -20.52 44.78 -0.73
C SER B 82 -20.13 45.95 0.18
N LEU B 83 -20.35 45.82 1.49
CA LEU B 83 -19.93 46.86 2.48
C LEU B 83 -18.49 46.60 2.95
N GLY B 84 -17.81 45.59 2.40
CA GLY B 84 -16.42 45.25 2.77
C GLY B 84 -16.34 44.51 4.10
N ILE B 85 -17.31 43.63 4.36
CA ILE B 85 -17.38 42.76 5.58
C ILE B 85 -17.43 41.31 5.10
N ASN B 86 -16.72 40.41 5.79
CA ASN B 86 -16.74 38.95 5.51
C ASN B 86 -18.08 38.36 5.97
N THR B 87 -18.49 37.25 5.38
CA THR B 87 -19.75 36.54 5.74
C THR B 87 -19.45 35.07 5.99
N VAL B 88 -20.09 34.54 7.03
CA VAL B 88 -20.18 33.09 7.34
C VAL B 88 -21.65 32.75 7.46
N ASP B 89 -22.09 31.69 6.80
CA ASP B 89 -23.48 31.19 6.94
C ASP B 89 -23.47 29.69 7.18
N SER B 90 -24.61 29.11 7.52
CA SER B 90 -24.80 27.64 7.66
C SER B 90 -25.84 27.17 6.64
N PHE B 91 -25.92 27.86 5.50
CA PHE B 91 -26.83 27.54 4.37
C PHE B 91 -26.89 26.02 4.19
N ASP B 92 -28.07 25.43 4.36
CA ASP B 92 -28.25 23.97 4.62
C ASP B 92 -28.85 23.23 3.41
N VAL B 93 -29.04 23.90 2.27
CA VAL B 93 -29.63 23.23 1.08
C VAL B 93 -28.50 22.69 0.21
N HIS B 94 -28.19 21.41 0.38
CA HIS B 94 -27.01 20.73 -0.24
C HIS B 94 -26.99 20.96 -1.75
N SER B 95 -28.12 20.77 -2.43
CA SER B 95 -28.23 20.82 -3.91
C SER B 95 -27.90 22.21 -4.46
N GLU B 96 -27.93 23.26 -3.62
CA GLU B 96 -27.80 24.66 -4.11
C GLU B 96 -26.44 25.26 -3.71
N ILE B 97 -25.56 24.48 -3.09
CA ILE B 97 -24.28 25.02 -2.51
C ILE B 97 -23.34 25.48 -3.62
N VAL B 98 -23.22 24.73 -4.71
CA VAL B 98 -22.36 25.12 -5.87
C VAL B 98 -22.81 26.47 -6.43
N SER B 99 -24.11 26.70 -6.61
CA SER B 99 -24.72 27.99 -7.07
C SER B 99 -24.34 29.12 -6.10
N LEU B 100 -24.61 28.92 -4.81
CA LEU B 100 -24.38 29.97 -3.79
C LEU B 100 -22.90 30.35 -3.85
N LYS B 101 -22.00 29.37 -3.97
CA LYS B 101 -20.54 29.61 -3.95
C LYS B 101 -20.16 30.55 -5.09
N THR B 102 -20.60 30.26 -6.31
CA THR B 102 -20.28 31.06 -7.52
C THR B 102 -20.87 32.47 -7.42
N GLU B 103 -22.12 32.61 -6.95
CA GLU B 103 -22.78 33.93 -6.80
C GLU B 103 -21.94 34.79 -5.86
N LEU B 104 -21.57 34.25 -4.70
CA LEU B 104 -20.83 34.99 -3.65
C LEU B 104 -19.36 35.19 -4.04
N ASP B 105 -18.77 34.29 -4.83
CA ASP B 105 -17.33 34.37 -5.22
C ASP B 105 -17.11 35.66 -6.03
N ASP B 106 -17.97 35.93 -7.03
CA ASP B 106 -17.99 37.15 -7.88
C ASP B 106 -17.87 38.36 -6.94
N VAL B 107 -18.81 38.48 -5.99
CA VAL B 107 -19.01 39.67 -5.12
C VAL B 107 -17.86 39.77 -4.11
N ALA B 108 -17.49 38.67 -3.48
CA ALA B 108 -16.37 38.63 -2.49
C ALA B 108 -15.09 39.15 -3.16
N LYS B 109 -14.87 38.79 -4.42
CA LYS B 109 -13.63 39.15 -5.16
C LYS B 109 -13.66 40.63 -5.53
N LYS B 110 -14.80 41.15 -6.01
CA LYS B 110 -14.92 42.59 -6.35
C LYS B 110 -14.55 43.42 -5.12
N HIS B 111 -14.99 43.03 -3.90
CA HIS B 111 -14.86 43.84 -2.66
C HIS B 111 -13.72 43.34 -1.77
N ASP B 112 -12.89 42.45 -2.29
CA ASP B 112 -11.67 41.94 -1.61
C ASP B 112 -12.01 41.35 -0.23
N ARG B 113 -13.11 40.60 -0.12
CA ARG B 113 -13.57 39.97 1.13
C ARG B 113 -13.70 38.45 0.94
N VAL B 114 -13.95 37.74 2.05
CA VAL B 114 -14.12 36.27 2.10
C VAL B 114 -15.53 35.94 2.56
N ALA B 115 -16.17 35.01 1.86
CA ALA B 115 -17.43 34.36 2.25
C ALA B 115 -17.13 32.88 2.52
N VAL B 116 -17.45 32.41 3.72
CA VAL B 116 -17.46 30.95 4.02
C VAL B 116 -18.93 30.53 4.10
N ILE B 117 -19.36 29.61 3.24
CA ILE B 117 -20.78 29.17 3.15
C ILE B 117 -20.92 27.77 3.75
N SER B 118 -22.12 27.45 4.20
CA SER B 118 -22.57 26.08 4.56
C SER B 118 -21.60 25.52 5.62
N ALA B 119 -21.37 26.31 6.67
CA ALA B 119 -20.42 26.05 7.76
C ALA B 119 -21.19 25.77 9.07
N GLY B 120 -22.18 24.89 8.99
CA GLY B 120 -22.85 24.30 10.17
C GLY B 120 -22.18 22.99 10.54
N TRP B 121 -22.94 21.98 10.98
CA TRP B 121 -22.39 20.61 11.14
C TRP B 121 -22.79 19.71 9.96
N ASP B 122 -23.89 20.01 9.25
CA ASP B 122 -24.22 19.29 8.00
C ASP B 122 -25.22 20.09 7.19
N PRO B 123 -24.78 20.82 6.15
CA PRO B 123 -23.37 20.88 5.73
C PRO B 123 -22.46 21.63 6.70
N GLY B 124 -21.17 21.28 6.69
CA GLY B 124 -20.12 21.86 7.57
C GLY B 124 -19.13 20.81 8.04
N SER B 125 -18.99 20.63 9.36
CA SER B 125 -18.10 19.63 10.01
C SER B 125 -18.20 18.31 9.26
N ASP B 126 -19.43 17.76 9.18
CA ASP B 126 -19.67 16.43 8.59
C ASP B 126 -19.05 16.40 7.19
N SER B 127 -19.13 17.49 6.43
CA SER B 127 -18.61 17.61 5.06
C SER B 127 -17.10 17.32 5.04
N ILE B 128 -16.35 17.83 6.02
CA ILE B 128 -14.89 17.59 6.15
C ILE B 128 -14.65 16.11 6.46
N VAL B 129 -15.40 15.51 7.37
CA VAL B 129 -15.24 14.07 7.70
C VAL B 129 -15.51 13.24 6.43
N ARG B 130 -16.54 13.55 5.65
CA ARG B 130 -16.89 12.78 4.42
C ARG B 130 -15.74 12.90 3.42
N THR B 131 -15.13 14.09 3.32
CA THR B 131 -13.98 14.37 2.44
C THR B 131 -12.79 13.53 2.91
N LEU B 132 -12.49 13.55 4.21
CA LEU B 132 -11.36 12.76 4.78
C LEU B 132 -11.56 11.27 4.46
N MET B 133 -12.79 10.80 4.47
CA MET B 133 -13.06 9.36 4.26
C MET B 133 -12.66 8.96 2.85
N LEU B 134 -12.85 9.84 1.86
CA LEU B 134 -12.46 9.55 0.46
C LEU B 134 -10.93 9.68 0.32
N ALA B 135 -10.29 10.51 1.13
CA ALA B 135 -8.82 10.69 1.11
C ALA B 135 -8.16 9.41 1.65
N MET B 136 -8.83 8.74 2.60
CA MET B 136 -8.33 7.53 3.27
C MET B 136 -8.70 6.27 2.46
N ALA B 137 -9.82 6.29 1.75
CA ALA B 137 -10.36 5.14 0.99
C ALA B 137 -11.29 5.66 -0.10
N PRO B 138 -10.75 6.01 -1.29
CA PRO B 138 -11.51 6.70 -2.32
C PRO B 138 -12.67 5.88 -2.89
N LYS B 139 -12.55 4.56 -2.93
CA LYS B 139 -13.65 3.67 -3.42
C LYS B 139 -14.45 3.16 -2.22
N GLY B 140 -15.73 2.89 -2.42
CA GLY B 140 -16.65 2.40 -1.39
C GLY B 140 -17.81 3.35 -1.18
N ILE B 141 -18.55 3.16 -0.09
CA ILE B 141 -19.83 3.88 0.17
C ILE B 141 -19.75 4.61 1.51
N THR B 142 -20.19 5.87 1.54
CA THR B 142 -20.40 6.67 2.76
C THR B 142 -21.90 6.80 3.00
N TYR B 143 -22.36 6.64 4.25
CA TYR B 143 -23.74 6.93 4.68
C TYR B 143 -23.67 7.95 5.81
N THR B 144 -24.62 8.88 5.83
CA THR B 144 -24.77 9.86 6.93
C THR B 144 -26.14 9.64 7.55
N ASN B 145 -26.18 9.28 8.84
CA ASN B 145 -27.40 8.91 9.60
C ASN B 145 -27.64 9.98 10.68
N PHE B 146 -28.77 10.71 10.59
CA PHE B 146 -29.09 11.85 11.47
C PHE B 146 -30.01 11.42 12.62
N GLY B 147 -29.78 11.99 13.80
CA GLY B 147 -30.72 11.99 14.94
C GLY B 147 -30.36 10.94 15.98
N PRO B 148 -31.24 10.67 16.96
CA PRO B 148 -32.53 11.34 17.02
C PRO B 148 -32.37 12.84 17.25
N GLY B 149 -33.17 13.65 16.55
CA GLY B 149 -33.23 15.11 16.71
C GLY B 149 -34.47 15.71 16.04
N MET B 150 -34.77 16.97 16.34
CA MET B 150 -35.92 17.69 15.73
C MET B 150 -35.51 18.09 14.31
N SER B 151 -36.45 18.02 13.36
CA SER B 151 -36.32 18.61 12.00
C SER B 151 -37.31 19.78 11.89
N MET B 152 -36.81 21.01 11.89
CA MET B 152 -37.65 22.23 11.75
C MET B 152 -38.40 22.18 10.40
N GLY B 153 -37.71 21.90 9.31
CA GLY B 153 -38.33 21.73 7.97
C GLY B 153 -39.58 20.87 8.04
N HIS B 154 -39.48 19.66 8.64
CA HIS B 154 -40.56 18.65 8.72
C HIS B 154 -41.63 19.08 9.72
N SER B 155 -41.24 19.77 10.80
CA SER B 155 -42.19 20.32 11.81
C SER B 155 -43.14 21.32 11.12
N VAL B 156 -42.57 22.28 10.40
CA VAL B 156 -43.27 23.33 9.58
C VAL B 156 -44.24 22.64 8.61
N ALA B 157 -43.74 21.71 7.80
CA ALA B 157 -44.50 20.99 6.76
C ALA B 157 -45.73 20.30 7.38
N ALA B 158 -45.62 19.80 8.61
CA ALA B 158 -46.72 19.09 9.28
C ALA B 158 -47.70 20.11 9.88
N LYS B 159 -47.18 21.20 10.45
CA LYS B 159 -47.97 22.33 11.04
C LYS B 159 -48.88 22.93 9.95
N ALA B 160 -48.33 23.07 8.73
CA ALA B 160 -48.98 23.68 7.55
C ALA B 160 -49.98 22.70 6.88
N ILE B 161 -50.61 21.81 7.65
CA ILE B 161 -51.67 20.90 7.13
C ILE B 161 -52.97 21.20 7.89
N GLU B 162 -54.11 20.95 7.25
CA GLU B 162 -55.47 21.22 7.81
C GLU B 162 -55.67 20.30 9.03
N GLY B 163 -56.05 20.88 10.17
CA GLY B 163 -56.38 20.15 11.40
C GLY B 163 -55.25 20.19 12.42
N VAL B 164 -54.10 20.73 12.03
CA VAL B 164 -52.85 20.72 12.85
C VAL B 164 -52.64 22.13 13.39
N LYS B 165 -52.83 22.32 14.70
CA LYS B 165 -52.53 23.60 15.40
C LYS B 165 -51.01 23.74 15.47
N ASP B 166 -50.32 22.74 16.05
CA ASP B 166 -48.85 22.71 16.21
C ASP B 166 -48.35 21.28 15.91
N ALA B 167 -47.07 21.15 15.56
CA ALA B 167 -46.45 19.86 15.21
C ALA B 167 -44.96 19.86 15.57
N LEU B 168 -44.46 18.69 15.95
CA LEU B 168 -43.01 18.42 16.12
C LEU B 168 -42.68 17.15 15.33
N SER B 169 -41.73 17.21 14.41
CA SER B 169 -41.21 16.05 13.65
C SER B 169 -39.82 15.68 14.18
N MET B 170 -39.66 14.43 14.62
CA MET B 170 -38.35 13.84 15.03
C MET B 170 -37.77 13.04 13.85
N THR B 171 -36.48 13.19 13.61
CA THR B 171 -35.69 12.39 12.64
C THR B 171 -34.99 11.27 13.40
N ILE B 172 -35.22 10.01 13.00
CA ILE B 172 -34.70 8.79 13.68
C ILE B 172 -33.84 8.02 12.68
N PRO B 173 -32.57 7.72 12.99
CA PRO B 173 -31.71 7.01 12.06
C PRO B 173 -31.99 5.51 12.09
N LEU B 174 -32.18 4.89 10.93
CA LEU B 174 -32.36 3.43 10.74
C LEU B 174 -31.18 2.84 9.96
N GLY B 175 -30.12 3.61 9.70
CA GLY B 175 -28.93 3.11 8.97
C GLY B 175 -29.01 3.33 7.47
N THR B 176 -27.85 3.25 6.79
CA THR B 176 -27.66 3.42 5.32
C THR B 176 -28.51 4.59 4.81
N GLY B 177 -28.51 5.69 5.54
CA GLY B 177 -29.12 6.99 5.17
C GLY B 177 -30.65 6.98 5.20
N VAL B 178 -31.26 5.90 5.69
CA VAL B 178 -32.73 5.72 5.78
C VAL B 178 -33.22 6.25 7.13
N HIS B 179 -34.32 6.99 7.12
CA HIS B 179 -34.82 7.77 8.29
C HIS B 179 -36.28 7.40 8.56
N ARG B 180 -36.60 7.30 9.84
CA ARG B 180 -37.98 7.19 10.36
C ARG B 180 -38.39 8.58 10.83
N ARG B 181 -39.63 9.00 10.63
CA ARG B 181 -40.10 10.31 11.12
C ARG B 181 -41.20 10.10 12.15
N MET B 182 -40.97 10.55 13.38
CA MET B 182 -41.99 10.50 14.47
C MET B 182 -42.60 11.88 14.59
N VAL B 183 -43.88 12.01 14.22
CA VAL B 183 -44.56 13.33 14.17
C VAL B 183 -45.57 13.37 15.32
N TYR B 184 -45.44 14.36 16.19
CA TYR B 184 -46.36 14.65 17.32
C TYR B 184 -47.18 15.90 16.97
N VAL B 185 -48.52 15.79 17.03
CA VAL B 185 -49.45 16.86 16.56
C VAL B 185 -50.43 17.24 17.68
N GLU B 186 -50.61 18.56 17.83
CA GLU B 186 -51.75 19.24 18.49
C GLU B 186 -52.83 19.48 17.42
N LEU B 187 -54.02 18.90 17.61
CA LEU B 187 -55.15 19.04 16.64
C LEU B 187 -55.92 20.33 16.90
N GLU B 188 -56.35 21.02 15.84
CA GLU B 188 -57.29 22.17 15.95
C GLU B 188 -58.62 21.60 16.46
N ALA B 189 -59.30 22.31 17.39
CA ALA B 189 -60.63 21.92 17.95
C ALA B 189 -61.52 21.51 16.76
N GLY B 190 -61.93 20.24 16.69
CA GLY B 190 -62.89 19.75 15.67
C GLY B 190 -62.26 19.13 14.43
N ALA B 191 -60.94 18.93 14.38
CA ALA B 191 -60.26 18.19 13.28
C ALA B 191 -60.45 16.68 13.47
N ASN B 192 -60.37 15.92 12.39
CA ASN B 192 -60.48 14.43 12.40
C ASN B 192 -59.08 13.83 12.36
N PHE B 193 -58.69 13.05 13.38
CA PHE B 193 -57.30 12.52 13.51
C PHE B 193 -56.91 11.76 12.24
N ASN B 194 -57.73 10.77 11.81
CA ASN B 194 -57.34 9.81 10.74
C ASN B 194 -57.09 10.56 9.42
N GLN B 195 -57.80 11.67 9.18
CA GLN B 195 -57.61 12.51 7.96
C GLN B 195 -56.25 13.20 8.07
N VAL B 196 -55.95 13.79 9.23
CA VAL B 196 -54.69 14.55 9.51
C VAL B 196 -53.50 13.59 9.36
N GLU B 197 -53.57 12.42 10.01
CA GLU B 197 -52.54 11.34 9.96
C GLU B 197 -52.24 10.97 8.49
N GLN B 198 -53.25 10.59 7.70
CA GLN B 198 -53.10 10.15 6.29
C GLN B 198 -52.52 11.29 5.43
N ALA B 199 -52.90 12.53 5.73
CA ALA B 199 -52.51 13.76 4.98
C ALA B 199 -51.02 14.05 5.23
N ILE B 200 -50.58 13.89 6.48
CA ILE B 200 -49.15 14.07 6.90
C ILE B 200 -48.32 12.99 6.20
N LYS B 201 -48.79 11.75 6.22
CA LYS B 201 -48.08 10.58 5.65
C LYS B 201 -47.97 10.70 4.13
N ALA B 202 -48.96 11.35 3.48
CA ALA B 202 -49.04 11.49 2.01
C ALA B 202 -48.34 12.76 1.53
N ASP B 203 -48.12 13.75 2.41
CA ASP B 203 -47.42 15.02 2.07
C ASP B 203 -46.04 14.70 1.47
N SER B 204 -45.53 15.54 0.56
CA SER B 204 -44.27 15.29 -0.19
C SER B 204 -43.07 15.21 0.77
N TYR B 205 -43.12 15.91 1.91
CA TYR B 205 -42.01 15.94 2.91
C TYR B 205 -41.90 14.61 3.66
N PHE B 206 -42.90 13.71 3.61
CA PHE B 206 -42.98 12.49 4.45
C PHE B 206 -43.25 11.21 3.66
N SER B 207 -43.66 11.31 2.39
CA SER B 207 -44.22 10.17 1.61
C SER B 207 -43.12 9.17 1.23
N SER B 208 -41.86 9.61 1.19
CA SER B 208 -40.66 8.80 0.89
C SER B 208 -40.25 7.94 2.09
N ASP B 209 -40.71 8.28 3.29
CA ASP B 209 -40.11 7.81 4.56
C ASP B 209 -41.17 7.14 5.42
N GLU B 210 -40.76 6.10 6.16
CA GLU B 210 -41.55 5.52 7.28
C GLU B 210 -41.88 6.67 8.21
N THR B 211 -43.17 6.97 8.37
CA THR B 211 -43.69 8.11 9.17
C THR B 211 -44.76 7.62 10.13
N HIS B 212 -44.64 7.96 11.40
CA HIS B 212 -45.64 7.67 12.47
C HIS B 212 -46.18 9.01 12.96
N VAL B 213 -47.45 9.05 13.33
CA VAL B 213 -48.12 10.29 13.84
C VAL B 213 -48.85 9.95 15.13
N LYS B 214 -48.56 10.68 16.20
CA LYS B 214 -49.26 10.54 17.50
C LYS B 214 -49.85 11.92 17.86
N GLN B 215 -51.05 11.93 18.42
CA GLN B 215 -51.72 13.15 18.92
C GLN B 215 -51.24 13.40 20.34
N VAL B 216 -51.00 14.66 20.70
CA VAL B 216 -50.55 15.06 22.08
C VAL B 216 -51.28 16.35 22.47
N ASP B 217 -51.30 16.64 23.78
CA ASP B 217 -51.82 17.90 24.39
C ASP B 217 -50.87 19.06 24.04
N SER B 218 -49.63 19.01 24.56
CA SER B 218 -48.56 20.05 24.43
C SER B 218 -47.41 19.47 23.63
N VAL B 219 -47.16 20.00 22.43
CA VAL B 219 -45.98 19.67 21.59
C VAL B 219 -44.70 20.28 22.20
N ASP B 220 -44.79 21.42 22.89
CA ASP B 220 -43.62 22.17 23.38
C ASP B 220 -42.85 21.35 24.41
N SER B 221 -43.51 20.61 25.29
CA SER B 221 -42.86 19.84 26.39
C SER B 221 -42.06 18.65 25.82
N LEU B 222 -42.18 18.34 24.53
CA LEU B 222 -41.42 17.23 23.89
C LEU B 222 -40.11 17.76 23.28
N LYS B 223 -40.01 19.07 23.07
CA LYS B 223 -38.92 19.71 22.28
C LYS B 223 -37.59 19.58 23.04
N ASP B 224 -36.54 19.14 22.35
CA ASP B 224 -35.14 19.13 22.85
C ASP B 224 -34.22 19.34 21.64
N VAL B 225 -33.24 20.25 21.77
CA VAL B 225 -32.42 20.70 20.62
C VAL B 225 -31.19 19.79 20.50
N GLY B 226 -31.12 18.73 21.31
CA GLY B 226 -30.14 17.65 21.11
C GLY B 226 -30.29 17.05 19.72
N HIS B 227 -29.18 16.66 19.11
CA HIS B 227 -29.18 15.97 17.80
C HIS B 227 -27.96 15.05 17.73
N GLY B 228 -27.69 14.48 16.57
CA GLY B 228 -26.57 13.55 16.45
C GLY B 228 -26.36 13.07 15.03
N VAL B 229 -25.24 12.44 14.80
CA VAL B 229 -24.94 11.83 13.47
C VAL B 229 -24.13 10.58 13.73
N HIS B 230 -24.32 9.59 12.88
CA HIS B 230 -23.46 8.40 12.75
C HIS B 230 -23.09 8.30 11.26
N MET B 231 -21.85 8.64 10.90
CA MET B 231 -21.34 8.45 9.51
C MET B 231 -20.51 7.15 9.44
N THR B 232 -20.71 6.39 8.38
CA THR B 232 -19.95 5.16 8.08
C THR B 232 -19.31 5.31 6.69
N HIS B 233 -18.11 4.76 6.55
CA HIS B 233 -17.45 4.55 5.26
C HIS B 233 -16.87 3.15 5.30
N LYS B 234 -17.23 2.35 4.31
CA LYS B 234 -16.67 1.00 4.04
C LYS B 234 -16.09 1.03 2.63
N GLY B 235 -14.79 0.84 2.47
CA GLY B 235 -14.18 0.99 1.15
C GLY B 235 -12.75 0.54 1.05
N VAL B 236 -12.11 0.98 -0.03
CA VAL B 236 -10.80 0.45 -0.50
C VAL B 236 -9.73 1.53 -0.30
N SER B 237 -8.68 1.22 0.47
CA SER B 237 -7.43 2.00 0.54
C SER B 237 -6.45 1.35 -0.45
N GLY B 238 -6.14 2.05 -1.53
CA GLY B 238 -5.31 1.51 -2.63
C GLY B 238 -6.06 0.38 -3.32
N LYS B 239 -5.67 -0.86 -3.03
CA LYS B 239 -6.33 -2.09 -3.54
C LYS B 239 -6.76 -2.99 -2.38
N THR B 240 -6.70 -2.50 -1.14
CA THR B 240 -7.07 -3.26 0.07
C THR B 240 -8.52 -2.92 0.46
N HIS B 241 -9.40 -3.94 0.45
CA HIS B 241 -10.85 -3.80 0.70
C HIS B 241 -11.19 -3.93 2.18
N ASN B 242 -12.43 -3.57 2.53
CA ASN B 242 -13.06 -3.77 3.87
C ASN B 242 -12.35 -2.88 4.88
N GLN B 243 -12.00 -1.67 4.49
CA GLN B 243 -11.53 -0.60 5.40
C GLN B 243 -12.77 0.03 6.03
N LEU B 244 -12.87 -0.01 7.36
CA LEU B 244 -14.10 0.44 8.08
C LEU B 244 -13.77 1.71 8.88
N PHE B 245 -14.54 2.78 8.63
CA PHE B 245 -14.43 4.08 9.33
C PHE B 245 -15.83 4.51 9.79
N GLU B 246 -15.87 5.21 10.91
CA GLU B 246 -17.13 5.53 11.63
C GLU B 246 -16.88 6.84 12.40
N TYR B 247 -17.84 7.75 12.36
CA TYR B 247 -17.84 9.01 13.16
C TYR B 247 -19.22 9.18 13.79
N SER B 248 -19.27 9.50 15.08
CA SER B 248 -20.51 9.72 15.86
C SER B 248 -20.39 11.00 16.67
N MET B 249 -21.52 11.62 16.96
CA MET B 249 -21.60 12.69 17.98
C MET B 249 -23.02 12.75 18.52
N ARG B 250 -23.12 13.05 19.81
CA ARG B 250 -24.35 13.41 20.55
C ARG B 250 -24.11 14.84 21.01
N ILE B 251 -24.84 15.81 20.45
CA ILE B 251 -24.50 17.25 20.56
C ILE B 251 -25.78 18.08 20.72
N ASN B 252 -25.61 19.29 21.23
CA ASN B 252 -26.62 20.37 21.19
C ASN B 252 -26.54 21.00 19.79
N ASN B 253 -27.61 20.94 19.03
CA ASN B 253 -27.67 21.32 17.58
C ASN B 253 -27.24 22.77 17.38
N PRO B 254 -27.99 23.78 17.87
CA PRO B 254 -27.59 25.17 17.67
C PRO B 254 -26.23 25.54 18.29
N ALA B 255 -25.86 24.93 19.42
CA ALA B 255 -24.56 25.21 20.08
C ALA B 255 -23.42 24.84 19.12
N LEU B 256 -23.50 23.67 18.50
CA LEU B 256 -22.46 23.20 17.55
C LEU B 256 -22.49 24.05 16.28
N THR B 257 -23.66 24.24 15.67
CA THR B 257 -23.81 25.03 14.43
C THR B 257 -23.14 26.39 14.62
N SER B 258 -23.50 27.10 15.69
CA SER B 258 -23.02 28.47 15.97
C SER B 258 -21.50 28.45 16.24
N GLN B 259 -21.02 27.44 16.98
CA GLN B 259 -19.57 27.36 17.32
C GLN B 259 -18.77 27.12 16.04
N PHE B 260 -19.22 26.25 15.14
CA PHE B 260 -18.46 25.98 13.89
C PHE B 260 -18.46 27.25 13.04
N MET B 261 -19.54 28.03 13.08
CA MET B 261 -19.66 29.30 12.31
C MET B 261 -18.60 30.29 12.82
N VAL B 262 -18.41 30.35 14.13
CA VAL B 262 -17.39 31.23 14.75
C VAL B 262 -16.00 30.75 14.31
N SER B 263 -15.73 29.44 14.39
CA SER B 263 -14.45 28.85 13.90
C SER B 263 -14.25 29.20 12.41
N ALA B 264 -15.31 29.16 11.61
CA ALA B 264 -15.24 29.47 10.16
C ALA B 264 -14.92 30.96 9.95
N ALA B 265 -15.51 31.81 10.79
CA ALA B 265 -15.30 33.27 10.75
C ALA B 265 -13.82 33.54 11.04
N ARG B 266 -13.24 32.83 12.00
CA ARG B 266 -11.80 32.94 12.34
C ARG B 266 -11.00 32.59 11.09
N ALA B 267 -11.36 31.49 10.43
CA ALA B 267 -10.66 31.01 9.23
C ALA B 267 -10.82 32.03 8.10
N SER B 268 -11.98 32.70 8.00
CA SER B 268 -12.31 33.64 6.90
C SER B 268 -11.24 34.74 6.81
N MET B 269 -10.65 35.11 7.96
CA MET B 269 -9.70 36.24 8.06
C MET B 269 -8.35 35.85 7.44
N LYS B 270 -8.12 34.58 7.08
CA LYS B 270 -6.79 34.10 6.61
C LYS B 270 -6.83 33.58 5.17
N GLN B 271 -7.92 33.76 4.43
CA GLN B 271 -8.06 33.24 3.04
C GLN B 271 -7.92 34.39 2.03
N ARG B 272 -7.52 34.06 0.81
CA ARG B 272 -7.51 35.01 -0.32
C ARG B 272 -8.97 35.29 -0.67
N ALA B 273 -9.25 36.51 -1.13
CA ALA B 273 -10.62 36.96 -1.45
C ALA B 273 -11.35 35.88 -2.26
N GLY B 274 -12.59 35.59 -1.90
CA GLY B 274 -13.47 34.64 -2.61
C GLY B 274 -14.47 33.97 -1.68
N ALA B 275 -15.28 33.07 -2.23
CA ALA B 275 -16.24 32.23 -1.50
C ALA B 275 -15.67 30.81 -1.42
N TYR B 276 -15.93 30.14 -0.29
CA TYR B 276 -15.35 28.85 0.11
C TYR B 276 -16.40 28.00 0.82
N THR B 277 -16.50 26.71 0.47
CA THR B 277 -17.04 25.66 1.36
C THR B 277 -15.96 25.33 2.38
N VAL B 278 -16.32 24.67 3.48
CA VAL B 278 -15.35 24.40 4.59
C VAL B 278 -14.34 23.31 4.18
N ILE B 279 -14.60 22.55 3.11
CA ILE B 279 -13.63 21.54 2.61
C ILE B 279 -12.53 22.22 1.77
N GLU B 280 -12.63 23.54 1.54
CA GLU B 280 -11.62 24.31 0.76
C GLU B 280 -10.75 25.17 1.70
N ILE B 281 -10.90 25.01 3.01
CA ILE B 281 -10.12 25.76 4.05
C ILE B 281 -9.20 24.76 4.75
N PRO B 282 -7.93 25.12 4.99
CA PRO B 282 -7.07 24.32 5.86
C PRO B 282 -7.65 24.22 7.27
N PRO B 283 -7.85 23.01 7.82
CA PRO B 283 -8.50 22.84 9.11
C PRO B 283 -7.90 23.68 10.25
N VAL B 284 -6.59 23.88 10.28
CA VAL B 284 -5.92 24.59 11.41
C VAL B 284 -6.35 26.07 11.40
N ASP B 285 -6.78 26.62 10.26
CA ASP B 285 -7.21 28.03 10.12
C ASP B 285 -8.49 28.28 10.95
N PHE B 286 -9.24 27.21 11.29
CA PHE B 286 -10.43 27.30 12.15
C PHE B 286 -10.05 27.59 13.61
N LEU B 287 -8.79 27.48 14.01
CA LEU B 287 -8.41 27.45 15.44
C LEU B 287 -7.67 28.73 15.87
N ALA B 288 -7.94 29.16 17.11
CA ALA B 288 -7.16 30.20 17.81
C ALA B 288 -5.84 29.61 18.29
N GLY B 289 -4.77 30.41 18.26
CA GLY B 289 -3.49 30.09 18.91
C GLY B 289 -2.33 30.15 17.95
N ASP B 290 -1.13 29.83 18.45
CA ASP B 290 0.16 29.89 17.73
C ASP B 290 0.25 28.63 16.85
N LEU B 291 0.46 28.80 15.55
CA LEU B 291 0.52 27.67 14.58
C LEU B 291 1.33 26.53 15.20
N ASN B 292 2.57 26.79 15.62
CA ASN B 292 3.51 25.72 16.00
C ASN B 292 3.04 25.03 17.28
N THR B 293 2.42 25.75 18.22
CA THR B 293 1.86 25.14 19.45
C THR B 293 0.73 24.17 19.05
N LEU B 294 -0.13 24.62 18.11
CA LEU B 294 -1.28 23.84 17.61
C LEU B 294 -0.77 22.58 16.90
N ILE B 295 0.26 22.71 16.06
CA ILE B 295 0.84 21.57 15.31
C ILE B 295 1.37 20.54 16.33
N ALA B 296 2.14 20.97 17.32
CA ALA B 296 2.73 20.11 18.36
C ALA B 296 1.61 19.39 19.13
N LYS B 297 0.49 20.06 19.35
CA LYS B 297 -0.63 19.52 20.18
C LYS B 297 -1.48 18.52 19.38
N LEU B 298 -1.64 18.72 18.08
CA LEU B 298 -2.68 18.07 17.25
C LEU B 298 -2.10 17.01 16.30
N VAL B 299 -0.91 17.22 15.74
CA VAL B 299 -0.47 16.40 14.58
C VAL B 299 0.18 15.12 15.09
N THR C 3 -1.63 14.70 -18.42
CA THR C 3 -2.24 15.36 -17.21
C THR C 3 -2.22 14.41 -16.00
N LYS C 4 -1.27 13.48 -15.96
CA LYS C 4 -1.13 12.46 -14.87
C LYS C 4 0.01 12.89 -13.95
N ILE C 5 -0.18 12.78 -12.64
CA ILE C 5 0.83 13.10 -11.59
C ILE C 5 1.85 11.96 -11.57
N LYS C 6 3.10 12.29 -11.84
CA LYS C 6 4.20 11.32 -12.04
C LYS C 6 4.92 11.12 -10.71
N VAL C 7 4.87 9.90 -10.18
CA VAL C 7 5.28 9.58 -8.79
C VAL C 7 6.41 8.52 -8.80
N ALA C 8 7.40 8.73 -7.96
CA ALA C 8 8.45 7.74 -7.62
C ALA C 8 8.20 7.26 -6.20
N ILE C 9 8.36 5.96 -5.94
CA ILE C 9 8.31 5.39 -4.56
C ILE C 9 9.76 5.18 -4.10
N VAL C 10 10.19 5.87 -3.05
CA VAL C 10 11.58 5.78 -2.50
C VAL C 10 11.53 5.01 -1.20
N GLY C 11 12.26 3.90 -1.12
CA GLY C 11 12.14 2.87 -0.07
C GLY C 11 11.04 1.90 -0.45
N TYR C 12 11.14 0.63 -0.04
CA TYR C 12 10.12 -0.41 -0.35
C TYR C 12 10.02 -1.39 0.81
N GLY C 13 9.76 -0.87 2.02
CA GLY C 13 9.34 -1.69 3.18
C GLY C 13 7.92 -2.22 3.00
N ASN C 14 7.16 -2.28 4.09
CA ASN C 14 5.74 -2.74 4.06
C ASN C 14 4.92 -1.68 3.34
N ILE C 15 5.16 -0.41 3.67
CA ILE C 15 4.41 0.76 3.11
C ILE C 15 4.66 0.82 1.61
N GLY C 16 5.87 0.41 1.17
CA GLY C 16 6.28 0.46 -0.24
C GLY C 16 5.35 -0.33 -1.15
N ARG C 17 5.09 -1.60 -0.79
CA ARG C 17 4.27 -2.52 -1.62
C ARG C 17 2.86 -1.95 -1.71
N PHE C 18 2.35 -1.39 -0.60
CA PHE C 18 0.97 -0.86 -0.53
C PHE C 18 0.88 0.47 -1.28
N ALA C 19 1.95 1.29 -1.21
CA ALA C 19 2.08 2.55 -1.99
C ALA C 19 1.97 2.23 -3.48
N LEU C 20 2.62 1.16 -3.94
CA LEU C 20 2.58 0.74 -5.36
C LEU C 20 1.12 0.47 -5.74
N GLU C 21 0.41 -0.27 -4.90
CA GLU C 21 -1.01 -0.64 -5.13
C GLU C 21 -1.84 0.65 -5.20
N ALA C 22 -1.63 1.60 -4.28
CA ALA C 22 -2.41 2.84 -4.18
C ALA C 22 -2.18 3.71 -5.43
N VAL C 23 -0.94 3.81 -5.87
CA VAL C 23 -0.54 4.57 -7.08
C VAL C 23 -1.19 3.94 -8.32
N GLN C 24 -1.11 2.63 -8.49
CA GLN C 24 -1.64 1.94 -9.68
C GLN C 24 -3.17 2.13 -9.74
N ALA C 25 -3.85 2.08 -8.59
CA ALA C 25 -5.33 2.18 -8.47
C ALA C 25 -5.82 3.58 -8.84
N ALA C 26 -5.03 4.61 -8.56
CA ALA C 26 -5.35 6.03 -8.85
C ALA C 26 -5.19 6.35 -10.34
N GLN C 27 -6.30 6.64 -11.03
CA GLN C 27 -6.33 6.93 -12.49
C GLN C 27 -5.48 8.18 -12.76
N ASP C 28 -5.38 9.11 -11.82
CA ASP C 28 -4.68 10.39 -12.05
C ASP C 28 -3.18 10.26 -11.75
N PHE C 29 -2.69 9.09 -11.34
CA PHE C 29 -1.25 8.88 -10.99
C PHE C 29 -0.59 7.89 -11.96
N GLU C 30 0.65 8.20 -12.36
CA GLU C 30 1.50 7.32 -13.20
C GLU C 30 2.76 6.99 -12.41
N LEU C 31 2.98 5.71 -12.15
CA LEU C 31 4.17 5.23 -11.39
C LEU C 31 5.38 5.25 -12.31
N VAL C 32 6.34 6.15 -12.09
CA VAL C 32 7.46 6.28 -13.07
C VAL C 32 8.65 5.45 -12.51
N GLY C 33 8.54 4.88 -11.30
CA GLY C 33 9.42 3.78 -10.86
C GLY C 33 9.59 3.68 -9.35
N VAL C 34 10.37 2.69 -8.89
CA VAL C 34 10.70 2.44 -7.45
C VAL C 34 12.20 2.61 -7.23
N VAL C 35 12.58 3.35 -6.19
CA VAL C 35 13.99 3.63 -5.81
C VAL C 35 14.30 2.86 -4.51
N ARG C 36 15.22 1.90 -4.53
CA ARG C 36 15.66 1.20 -3.30
C ARG C 36 17.15 0.85 -3.36
N ARG C 37 17.73 0.60 -2.18
CA ARG C 37 19.16 0.30 -1.94
C ARG C 37 19.52 -1.02 -2.63
N ASP C 38 18.73 -2.08 -2.41
CA ASP C 38 18.96 -3.42 -3.02
C ASP C 38 18.07 -3.60 -4.26
N ILE C 39 18.63 -3.39 -5.45
CA ILE C 39 17.87 -3.48 -6.74
C ILE C 39 17.74 -4.94 -7.20
N ASN C 40 18.35 -5.90 -6.49
CA ASN C 40 18.42 -7.33 -6.95
C ASN C 40 17.37 -8.20 -6.24
N ASN C 41 16.94 -7.77 -5.06
CA ASN C 41 15.67 -8.23 -4.44
C ASN C 41 14.51 -7.62 -5.24
N VAL C 42 13.85 -8.41 -6.08
CA VAL C 42 12.70 -7.95 -6.93
C VAL C 42 11.53 -8.93 -6.71
N PRO C 43 10.53 -8.59 -5.87
CA PRO C 43 9.36 -9.46 -5.68
C PRO C 43 8.41 -9.43 -6.88
N GLU C 44 7.49 -10.40 -6.96
CA GLU C 44 6.60 -10.66 -8.13
C GLU C 44 6.09 -9.34 -8.72
N GLU C 45 5.65 -8.39 -7.88
CA GLU C 45 4.91 -7.16 -8.28
C GLU C 45 5.84 -6.13 -8.94
N LEU C 46 7.17 -6.26 -8.78
CA LEU C 46 8.17 -5.32 -9.35
C LEU C 46 8.85 -5.91 -10.61
N GLN C 47 8.32 -7.00 -11.16
CA GLN C 47 8.91 -7.67 -12.36
C GLN C 47 8.85 -6.70 -13.55
N ASN C 48 7.76 -5.97 -13.72
CA ASN C 48 7.52 -5.08 -14.90
C ASN C 48 7.71 -3.61 -14.51
N ILE C 49 8.23 -3.35 -13.31
CA ILE C 49 8.41 -1.98 -12.75
C ILE C 49 9.89 -1.61 -12.82
N THR C 50 10.21 -0.40 -13.30
CA THR C 50 11.58 0.14 -13.26
C THR C 50 12.02 0.26 -11.79
N VAL C 51 13.11 -0.41 -11.43
CA VAL C 51 13.68 -0.39 -10.05
C VAL C 51 15.13 0.08 -10.14
N THR C 52 15.46 1.17 -9.47
CA THR C 52 16.75 1.89 -9.60
C THR C 52 17.21 2.21 -8.19
N ASN C 53 18.45 2.61 -8.03
CA ASN C 53 19.00 3.08 -6.72
C ASN C 53 19.24 4.58 -6.82
N ASP C 54 18.75 5.22 -7.88
CA ASP C 54 18.97 6.67 -8.13
C ASP C 54 17.73 7.21 -8.85
N ILE C 55 17.06 8.17 -8.21
CA ILE C 55 15.76 8.71 -8.69
C ILE C 55 15.96 9.43 -10.03
N LYS C 56 17.17 9.90 -10.30
CA LYS C 56 17.47 10.71 -11.52
C LYS C 56 17.28 9.86 -12.77
N THR C 57 17.45 8.54 -12.69
CA THR C 57 17.34 7.62 -13.85
C THR C 57 15.88 7.48 -14.30
N LEU C 58 14.90 7.98 -13.54
CA LEU C 58 13.46 7.79 -13.85
C LEU C 58 12.98 8.89 -14.82
N GLY C 59 13.73 9.97 -14.96
CA GLY C 59 13.30 11.11 -15.80
C GLY C 59 12.32 11.98 -15.05
N ASP C 60 11.19 12.35 -15.67
CA ASP C 60 10.29 13.38 -15.10
C ASP C 60 9.44 12.78 -14.00
N VAL C 61 9.64 13.31 -12.79
CA VAL C 61 8.95 12.90 -11.55
C VAL C 61 8.39 14.17 -10.91
N ASP C 62 7.08 14.24 -10.71
CA ASP C 62 6.38 15.36 -10.03
C ASP C 62 6.59 15.23 -8.51
N VAL C 63 6.47 14.02 -7.96
CA VAL C 63 6.46 13.83 -6.48
C VAL C 63 7.01 12.45 -6.10
N ALA C 64 7.70 12.37 -4.96
CA ALA C 64 8.29 11.14 -4.41
C ALA C 64 7.59 10.77 -3.09
N LEU C 65 7.10 9.54 -3.00
CA LEU C 65 6.58 8.96 -1.74
C LEU C 65 7.77 8.38 -0.97
N LEU C 66 8.15 8.99 0.15
CA LEU C 66 9.28 8.51 0.97
C LEU C 66 8.79 7.40 1.91
N CYS C 67 8.99 6.15 1.52
CA CYS C 67 8.60 4.94 2.27
C CYS C 67 9.83 4.33 2.92
N SER C 68 10.67 5.15 3.55
CA SER C 68 11.99 4.79 4.12
C SER C 68 11.89 4.83 5.64
N PRO C 69 12.90 4.30 6.37
CA PRO C 69 12.90 4.40 7.84
C PRO C 69 12.82 5.86 8.31
N THR C 70 12.20 6.06 9.47
CA THR C 70 12.03 7.37 10.15
C THR C 70 13.34 8.18 10.10
N ARG C 71 14.46 7.59 10.50
CA ARG C 71 15.79 8.26 10.69
C ARG C 71 16.30 8.80 9.34
N ALA C 72 15.86 8.27 8.20
CA ALA C 72 16.36 8.63 6.86
C ALA C 72 15.55 9.79 6.25
N ILE C 73 14.34 10.05 6.72
CA ILE C 73 13.33 10.90 6.01
C ILE C 73 13.89 12.30 5.77
N LYS C 74 14.48 12.96 6.76
CA LYS C 74 14.87 14.38 6.65
C LYS C 74 15.90 14.56 5.52
N GLU C 75 17.05 13.86 5.59
CA GLU C 75 18.15 13.97 4.59
C GLU C 75 17.62 13.58 3.20
N LEU C 76 16.76 12.57 3.15
CA LEU C 76 16.19 12.01 1.91
C LEU C 76 15.31 13.06 1.22
N ALA C 77 14.48 13.75 2.00
CA ALA C 77 13.52 14.76 1.52
C ALA C 77 14.26 15.98 0.99
N LYS C 78 15.27 16.49 1.71
CA LYS C 78 16.10 17.63 1.26
C LYS C 78 16.74 17.30 -0.10
N SER C 79 17.31 16.10 -0.25
CA SER C 79 17.99 15.70 -1.50
C SER C 79 16.98 15.72 -2.65
N ILE C 80 15.78 15.20 -2.45
CA ILE C 80 14.77 15.07 -3.54
C ILE C 80 14.10 16.41 -3.82
N LEU C 81 13.85 17.22 -2.80
CA LEU C 81 13.34 18.61 -3.00
C LEU C 81 14.36 19.36 -3.85
N SER C 82 15.65 19.15 -3.58
CA SER C 82 16.80 19.84 -4.22
C SER C 82 16.87 19.49 -5.71
N LEU C 83 16.30 18.36 -6.13
CA LEU C 83 16.24 17.96 -7.55
C LEU C 83 14.99 18.53 -8.23
N GLY C 84 14.19 19.33 -7.53
CA GLY C 84 12.95 19.92 -8.08
C GLY C 84 11.80 18.92 -8.14
N ILE C 85 11.71 18.03 -7.14
CA ILE C 85 10.63 17.01 -6.99
C ILE C 85 9.95 17.24 -5.64
N ASN C 86 8.63 17.10 -5.57
CA ASN C 86 7.86 17.19 -4.31
C ASN C 86 8.09 15.93 -3.47
N THR C 87 7.90 16.04 -2.17
CA THR C 87 8.06 14.91 -1.23
C THR C 87 6.81 14.78 -0.35
N VAL C 88 6.40 13.54 -0.14
CA VAL C 88 5.40 13.14 0.89
C VAL C 88 6.04 12.08 1.77
N ASP C 89 5.94 12.23 3.08
CA ASP C 89 6.40 11.19 4.03
C ASP C 89 5.30 10.93 5.06
N SER C 90 5.47 9.90 5.88
CA SER C 90 4.59 9.57 7.03
C SER C 90 5.41 9.63 8.31
N PHE C 91 6.43 10.50 8.34
CA PHE C 91 7.31 10.73 9.52
C PHE C 91 6.44 10.74 10.78
N ASP C 92 6.72 9.80 11.70
CA ASP C 92 5.76 9.39 12.77
C ASP C 92 6.21 9.89 14.16
N VAL C 93 7.27 10.68 14.28
CA VAL C 93 7.74 11.16 15.61
C VAL C 93 7.09 12.52 15.90
N HIS C 94 6.00 12.51 16.66
CA HIS C 94 5.12 13.68 16.93
C HIS C 94 5.95 14.85 17.44
N SER C 95 6.84 14.63 18.42
CA SER C 95 7.61 15.71 19.11
C SER C 95 8.56 16.40 18.12
N GLU C 96 8.87 15.82 16.96
CA GLU C 96 9.92 16.36 16.05
C GLU C 96 9.28 16.96 14.78
N ILE C 97 7.95 17.01 14.69
CA ILE C 97 7.24 17.43 13.44
C ILE C 97 7.48 18.91 13.15
N VAL C 98 7.42 19.77 14.17
CA VAL C 98 7.64 21.23 13.99
C VAL C 98 9.05 21.47 13.44
N SER C 99 10.09 20.78 13.96
CA SER C 99 11.49 20.84 13.46
C SER C 99 11.54 20.41 11.98
N LEU C 100 11.00 19.24 11.67
CA LEU C 100 11.06 18.68 10.30
C LEU C 100 10.43 19.70 9.35
N LYS C 101 9.31 20.31 9.74
CA LYS C 101 8.56 21.27 8.89
C LYS C 101 9.47 22.44 8.50
N THR C 102 10.13 23.06 9.49
CA THR C 102 11.00 24.23 9.28
C THR C 102 12.22 23.86 8.43
N GLU C 103 12.85 22.71 8.69
CA GLU C 103 14.05 22.25 7.93
C GLU C 103 13.64 22.15 6.45
N LEU C 104 12.52 21.47 6.16
CA LEU C 104 12.07 21.21 4.77
C LEU C 104 11.49 22.46 4.13
N ASP C 105 10.91 23.39 4.91
CA ASP C 105 10.26 24.62 4.37
C ASP C 105 11.33 25.47 3.64
N ASP C 106 12.48 25.69 4.29
CA ASP C 106 13.68 26.40 3.76
C ASP C 106 13.96 25.86 2.35
N VAL C 107 14.17 24.54 2.25
CA VAL C 107 14.68 23.84 1.04
C VAL C 107 13.57 23.80 -0.02
N ALA C 108 12.34 23.48 0.36
CA ALA C 108 11.17 23.45 -0.56
C ALA C 108 11.04 24.82 -1.25
N LYS C 109 11.24 25.91 -0.50
CA LYS C 109 11.04 27.29 -1.01
C LYS C 109 12.19 27.66 -1.94
N LYS C 110 13.43 27.32 -1.61
CA LYS C 110 14.60 27.59 -2.51
C LYS C 110 14.34 26.96 -3.87
N HIS C 111 13.78 25.74 -3.93
CA HIS C 111 13.66 24.92 -5.18
C HIS C 111 12.23 24.96 -5.73
N ASP C 112 11.38 25.82 -5.18
CA ASP C 112 10.00 26.09 -5.64
C ASP C 112 9.19 24.78 -5.67
N ARG C 113 9.32 23.93 -4.65
CA ARG C 113 8.59 22.64 -4.55
C ARG C 113 7.80 22.60 -3.23
N VAL C 114 7.00 21.54 -3.08
CA VAL C 114 6.14 21.29 -1.90
C VAL C 114 6.58 20.00 -1.21
N ALA C 115 6.69 20.05 0.11
CA ALA C 115 6.87 18.89 0.99
C ALA C 115 5.61 18.78 1.86
N VAL C 116 4.96 17.63 1.82
CA VAL C 116 3.89 17.28 2.81
C VAL C 116 4.50 16.23 3.75
N ILE C 117 4.55 16.54 5.04
CA ILE C 117 5.19 15.68 6.07
C ILE C 117 4.11 15.03 6.94
N SER C 118 4.44 13.89 7.54
CA SER C 118 3.65 13.26 8.61
C SER C 118 2.21 13.02 8.13
N ALA C 119 2.09 12.42 6.95
CA ALA C 119 0.84 12.18 6.19
C ALA C 119 0.52 10.68 6.17
N GLY C 120 0.59 10.03 7.35
CA GLY C 120 0.08 8.67 7.57
C GLY C 120 -1.35 8.72 8.09
N TRP C 121 -1.72 7.82 9.00
CA TRP C 121 -3.02 7.97 9.72
C TRP C 121 -2.82 8.56 11.12
N ASP C 122 -1.63 8.41 11.72
CA ASP C 122 -1.31 9.11 13.00
C ASP C 122 0.20 9.13 13.22
N PRO C 123 0.89 10.26 12.92
CA PRO C 123 0.25 11.48 12.42
C PRO C 123 -0.28 11.39 10.98
N GLY C 124 -1.30 12.18 10.66
CA GLY C 124 -1.97 12.23 9.35
C GLY C 124 -3.47 12.44 9.49
N SER C 125 -4.28 11.51 8.95
CA SER C 125 -5.76 11.53 9.01
C SER C 125 -6.22 11.93 10.41
N ASP C 126 -5.80 11.15 11.42
CA ASP C 126 -6.22 11.36 12.83
C ASP C 126 -5.98 12.83 13.21
N SER C 127 -4.86 13.42 12.75
CA SER C 127 -4.48 14.82 13.06
C SER C 127 -5.59 15.78 12.60
N ILE C 128 -6.16 15.57 11.42
CA ILE C 128 -7.27 16.40 10.88
C ILE C 128 -8.52 16.23 11.76
N VAL C 129 -8.86 15.00 12.13
CA VAL C 129 -10.04 14.75 13.01
C VAL C 129 -9.82 15.48 14.36
N ARG C 130 -8.62 15.42 14.95
CA ARG C 130 -8.34 16.09 16.25
C ARG C 130 -8.51 17.60 16.09
N THR C 131 -8.07 18.14 14.95
CA THR C 131 -8.18 19.58 14.61
C THR C 131 -9.67 19.95 14.49
N LEU C 132 -10.45 19.15 13.77
CA LEU C 132 -11.89 19.40 13.59
C LEU C 132 -12.58 19.39 14.95
N MET C 133 -12.13 18.56 15.87
CA MET C 133 -12.80 18.45 17.19
C MET C 133 -12.64 19.75 17.98
N LEU C 134 -11.51 20.43 17.84
CA LEU C 134 -11.30 21.74 18.52
C LEU C 134 -12.09 22.83 17.79
N ALA C 135 -12.32 22.69 16.48
CA ALA C 135 -13.11 23.66 15.70
C ALA C 135 -14.58 23.56 16.11
N MET C 136 -15.02 22.38 16.51
CA MET C 136 -16.43 22.10 16.90
C MET C 136 -16.62 22.39 18.40
N ALA C 137 -15.59 22.22 19.21
CA ALA C 137 -15.64 22.38 20.68
C ALA C 137 -14.24 22.64 21.21
N PRO C 138 -13.80 23.91 21.24
CA PRO C 138 -12.41 24.24 21.54
C PRO C 138 -11.96 23.88 22.97
N LYS C 139 -12.87 23.89 23.94
CA LYS C 139 -12.56 23.51 25.34
C LYS C 139 -12.96 22.05 25.53
N GLY C 140 -12.26 21.36 26.43
CA GLY C 140 -12.48 19.94 26.73
C GLY C 140 -11.25 19.11 26.44
N ILE C 141 -11.42 17.79 26.43
CA ILE C 141 -10.31 16.81 26.37
C ILE C 141 -10.51 15.89 25.16
N THR C 142 -9.43 15.68 24.40
CA THR C 142 -9.35 14.65 23.32
C THR C 142 -8.45 13.51 23.82
N TYR C 143 -8.84 12.26 23.58
CA TYR C 143 -8.01 11.06 23.79
C TYR C 143 -7.92 10.30 22.46
N THR C 144 -6.75 9.76 22.15
CA THR C 144 -6.52 8.92 20.96
C THR C 144 -6.09 7.54 21.46
N ASN C 145 -6.88 6.51 21.15
CA ASN C 145 -6.72 5.13 21.65
C ASN C 145 -6.39 4.20 20.48
N PHE C 146 -5.19 3.60 20.49
CA PHE C 146 -4.64 2.80 19.37
C PHE C 146 -4.89 1.31 19.60
N GLY C 147 -5.21 0.59 18.52
CA GLY C 147 -5.18 -0.87 18.43
C GLY C 147 -6.56 -1.50 18.60
N PRO C 148 -6.66 -2.83 18.77
CA PRO C 148 -5.46 -3.68 18.80
C PRO C 148 -4.70 -3.65 17.47
N GLY C 149 -3.37 -3.57 17.54
CA GLY C 149 -2.46 -3.64 16.39
C GLY C 149 -1.02 -3.89 16.81
N MET C 150 -0.15 -4.23 15.86
CA MET C 150 1.31 -4.44 16.12
C MET C 150 1.97 -3.07 16.31
N SER C 151 2.92 -2.98 17.23
CA SER C 151 3.86 -1.83 17.36
C SER C 151 5.26 -2.31 16.99
N MET C 152 5.76 -1.92 15.81
CA MET C 152 7.12 -2.29 15.34
C MET C 152 8.17 -1.74 16.34
N GLY C 153 8.08 -0.47 16.73
CA GLY C 153 8.94 0.14 17.76
C GLY C 153 9.13 -0.78 18.97
N HIS C 154 8.02 -1.23 19.56
CA HIS C 154 7.97 -2.05 20.79
C HIS C 154 8.44 -3.49 20.50
N SER C 155 8.14 -4.02 19.31
CA SER C 155 8.61 -5.37 18.87
C SER C 155 10.14 -5.38 18.87
N VAL C 156 10.76 -4.42 18.20
CA VAL C 156 12.23 -4.20 18.10
C VAL C 156 12.84 -4.12 19.50
N ALA C 157 12.30 -3.22 20.35
CA ALA C 157 12.78 -2.98 21.73
C ALA C 157 12.80 -4.29 22.53
N ALA C 158 11.83 -5.18 22.31
CA ALA C 158 11.73 -6.45 23.05
C ALA C 158 12.69 -7.48 22.45
N LYS C 159 12.83 -7.51 21.12
CA LYS C 159 13.76 -8.41 20.35
C LYS C 159 15.20 -8.14 20.82
N ALA C 160 15.53 -6.87 21.01
CA ALA C 160 16.86 -6.34 21.38
C ALA C 160 17.12 -6.52 22.89
N ILE C 161 16.58 -7.56 23.52
CA ILE C 161 16.86 -7.92 24.94
C ILE C 161 17.50 -9.31 24.95
N GLU C 162 18.37 -9.58 25.94
CA GLU C 162 19.10 -10.87 26.06
C GLU C 162 18.08 -11.98 26.34
N GLY C 163 18.15 -13.06 25.55
CA GLY C 163 17.31 -14.27 25.72
C GLY C 163 16.17 -14.32 24.72
N VAL C 164 15.98 -13.24 23.96
CA VAL C 164 14.84 -13.06 23.02
C VAL C 164 15.37 -13.23 21.59
N LYS C 165 14.99 -14.34 20.93
CA LYS C 165 15.30 -14.61 19.51
C LYS C 165 14.45 -13.64 18.68
N ASP C 166 13.13 -13.73 18.85
CA ASP C 166 12.13 -12.87 18.13
C ASP C 166 11.04 -12.41 19.12
N ALA C 167 10.35 -11.33 18.78
CA ALA C 167 9.30 -10.72 19.64
C ALA C 167 8.25 -10.04 18.76
N LEU C 168 6.99 -10.07 19.24
CA LEU C 168 5.86 -9.28 18.70
C LEU C 168 5.20 -8.55 19.86
N SER C 169 5.10 -7.23 19.80
CA SER C 169 4.39 -6.39 20.80
C SER C 169 3.06 -5.91 20.19
N MET C 170 1.95 -6.23 20.87
CA MET C 170 0.59 -5.74 20.51
C MET C 170 0.25 -4.55 21.39
N THR C 171 -0.33 -3.51 20.78
CA THR C 171 -0.85 -2.32 21.48
C THR C 171 -2.35 -2.50 21.66
N ILE C 172 -2.84 -2.44 22.89
CA ILE C 172 -4.26 -2.68 23.26
C ILE C 172 -4.81 -1.42 23.91
N PRO C 173 -5.91 -0.85 23.41
CA PRO C 173 -6.46 0.37 23.99
C PRO C 173 -7.27 0.07 25.25
N LEU C 174 -7.00 0.81 26.33
CA LEU C 174 -7.75 0.73 27.61
C LEU C 174 -8.49 2.03 27.88
N GLY C 175 -8.55 2.95 26.92
CA GLY C 175 -9.27 4.23 27.04
C GLY C 175 -8.38 5.34 27.59
N THR C 176 -8.83 6.60 27.45
CA THR C 176 -8.16 7.82 27.94
C THR C 176 -6.65 7.76 27.68
N GLY C 177 -6.26 7.28 26.50
CA GLY C 177 -4.90 7.25 25.94
C GLY C 177 -3.97 6.26 26.66
N VAL C 178 -4.51 5.43 27.55
CA VAL C 178 -3.77 4.39 28.31
C VAL C 178 -3.76 3.10 27.51
N HIS C 179 -2.62 2.43 27.46
CA HIS C 179 -2.35 1.27 26.57
C HIS C 179 -1.86 0.09 27.42
N ARG C 180 -2.31 -1.11 27.06
CA ARG C 180 -1.77 -2.39 27.53
C ARG C 180 -0.84 -2.89 26.44
N ARG C 181 0.28 -3.51 26.79
CA ARG C 181 1.18 -4.14 25.79
C ARG C 181 1.22 -5.64 26.01
N MET C 182 0.80 -6.40 25.00
CA MET C 182 0.89 -7.88 25.01
C MET C 182 2.12 -8.26 24.20
N VAL C 183 3.14 -8.81 24.84
CA VAL C 183 4.43 -9.14 24.20
C VAL C 183 4.53 -10.65 24.10
N TYR C 184 4.69 -11.16 22.87
CA TYR C 184 4.90 -12.60 22.56
C TYR C 184 6.37 -12.79 22.17
N VAL C 185 7.07 -13.71 22.84
CA VAL C 185 8.55 -13.92 22.66
C VAL C 185 8.85 -15.38 22.31
N GLU C 186 9.75 -15.52 21.34
CA GLU C 186 10.58 -16.71 21.03
C GLU C 186 11.88 -16.58 21.84
N LEU C 187 12.15 -17.52 22.74
CA LEU C 187 13.38 -17.51 23.61
C LEU C 187 14.57 -18.13 22.86
N GLU C 188 15.77 -17.56 23.01
CA GLU C 188 17.02 -18.16 22.48
C GLU C 188 17.27 -19.47 23.26
N ALA C 189 17.71 -20.53 22.57
CA ALA C 189 17.98 -21.88 23.12
C ALA C 189 18.70 -21.69 24.46
N GLY C 190 18.04 -22.07 25.58
CA GLY C 190 18.64 -22.08 26.93
C GLY C 190 18.45 -20.80 27.76
N ALA C 191 17.70 -19.79 27.31
CA ALA C 191 17.44 -18.54 28.05
C ALA C 191 16.39 -18.78 29.14
N ASN C 192 16.38 -17.95 30.19
CA ASN C 192 15.50 -18.09 31.38
C ASN C 192 14.30 -17.15 31.24
N PHE C 193 13.09 -17.69 31.21
CA PHE C 193 11.85 -16.92 30.94
C PHE C 193 11.72 -15.76 31.94
N ASN C 194 11.80 -16.04 33.25
CA ASN C 194 11.46 -15.03 34.30
C ASN C 194 12.41 -13.85 34.23
N GLN C 195 13.66 -14.06 33.79
CA GLN C 195 14.67 -12.96 33.65
C GLN C 195 14.23 -12.09 32.47
N VAL C 196 13.88 -12.73 31.35
CA VAL C 196 13.46 -12.07 30.06
C VAL C 196 12.20 -11.23 30.33
N GLU C 197 11.20 -11.84 30.97
CA GLU C 197 9.91 -11.20 31.37
C GLU C 197 10.18 -9.92 32.17
N GLN C 198 10.92 -10.02 33.29
CA GLN C 198 11.22 -8.86 34.19
C GLN C 198 11.99 -7.76 33.43
N ALA C 199 12.87 -8.16 32.51
CA ALA C 199 13.76 -7.26 31.74
C ALA C 199 12.93 -6.47 30.72
N ILE C 200 11.97 -7.14 30.08
CA ILE C 200 11.02 -6.52 29.10
C ILE C 200 10.16 -5.50 29.85
N LYS C 201 9.64 -5.89 31.01
CA LYS C 201 8.71 -5.06 31.82
C LYS C 201 9.45 -3.85 32.37
N ALA C 202 10.75 -3.95 32.64
CA ALA C 202 11.59 -2.88 33.24
C ALA C 202 12.19 -1.98 32.15
N ASP C 203 12.28 -2.44 30.90
CA ASP C 203 12.85 -1.65 29.76
C ASP C 203 12.08 -0.33 29.65
N SER C 204 12.73 0.75 29.21
CA SER C 204 12.13 2.12 29.17
C SER C 204 10.92 2.17 28.22
N TYR C 205 10.89 1.33 27.18
CA TYR C 205 9.78 1.26 26.19
C TYR C 205 8.49 0.68 26.80
N PHE C 206 8.54 0.01 27.96
CA PHE C 206 7.41 -0.77 28.54
C PHE C 206 7.11 -0.40 30.01
N SER C 207 7.99 0.30 30.69
CA SER C 207 7.95 0.45 32.17
C SER C 207 6.81 1.37 32.61
N SER C 208 6.34 2.26 31.72
CA SER C 208 5.19 3.19 31.95
C SER C 208 3.85 2.47 31.82
N ASP C 209 3.82 1.29 31.20
CA ASP C 209 2.59 0.66 30.69
C ASP C 209 2.40 -0.72 31.30
N GLU C 210 1.14 -1.08 31.56
CA GLU C 210 0.74 -2.48 31.87
C GLU C 210 1.25 -3.34 30.70
N THR C 211 2.16 -4.27 31.01
CA THR C 211 2.85 -5.12 30.03
C THR C 211 2.75 -6.58 30.46
N HIS C 212 2.31 -7.45 29.56
CA HIS C 212 2.19 -8.92 29.75
C HIS C 212 3.15 -9.58 28.75
N VAL C 213 3.75 -10.71 29.15
CA VAL C 213 4.73 -11.45 28.30
C VAL C 213 4.33 -12.91 28.29
N LYS C 214 4.16 -13.49 27.10
CA LYS C 214 3.87 -14.92 26.91
C LYS C 214 4.95 -15.49 25.97
N GLN C 215 5.41 -16.71 26.26
CA GLN C 215 6.37 -17.43 25.40
C GLN C 215 5.58 -18.17 24.32
N VAL C 216 6.09 -18.20 23.09
CA VAL C 216 5.45 -18.93 21.95
C VAL C 216 6.55 -19.61 21.13
N ASP C 217 6.16 -20.61 20.31
CA ASP C 217 7.04 -21.31 19.33
C ASP C 217 7.37 -20.38 18.17
N SER C 218 6.36 -19.98 17.38
CA SER C 218 6.46 -19.12 16.17
C SER C 218 5.75 -17.78 16.46
N VAL C 219 6.50 -16.69 16.51
CA VAL C 219 5.97 -15.30 16.61
C VAL C 219 5.33 -14.88 15.28
N ASP C 220 5.80 -15.40 14.14
CA ASP C 220 5.35 -14.96 12.80
C ASP C 220 3.87 -15.29 12.61
N SER C 221 3.38 -16.43 13.09
CA SER C 221 1.96 -16.87 12.85
C SER C 221 0.97 -16.00 13.65
N LEU C 222 1.45 -15.11 14.53
CA LEU C 222 0.59 -14.19 15.31
C LEU C 222 0.42 -12.86 14.59
N LYS C 223 1.29 -12.55 13.63
CA LYS C 223 1.37 -11.22 12.97
C LYS C 223 0.10 -10.95 12.15
N ASP C 224 -0.49 -9.78 12.33
CA ASP C 224 -1.58 -9.24 11.47
C ASP C 224 -1.43 -7.72 11.39
N VAL C 225 -1.51 -7.14 10.18
CA VAL C 225 -1.19 -5.69 9.96
C VAL C 225 -2.47 -4.88 10.15
N GLY C 226 -3.55 -5.51 10.59
CA GLY C 226 -4.76 -4.80 11.03
C GLY C 226 -4.41 -3.88 12.19
N HIS C 227 -5.06 -2.73 12.25
CA HIS C 227 -4.86 -1.76 13.35
C HIS C 227 -6.16 -0.97 13.53
N GLY C 228 -6.16 0.01 14.41
CA GLY C 228 -7.39 0.75 14.70
C GLY C 228 -7.17 1.94 15.59
N VAL C 229 -8.17 2.80 15.67
CA VAL C 229 -8.12 3.96 16.57
C VAL C 229 -9.55 4.20 17.04
N HIS C 230 -9.67 4.67 18.27
CA HIS C 230 -10.92 5.24 18.83
C HIS C 230 -10.54 6.58 19.42
N MET C 231 -10.93 7.69 18.76
CA MET C 231 -10.73 9.05 19.30
C MET C 231 -12.04 9.53 19.94
N THR C 232 -11.92 10.18 21.11
CA THR C 232 -13.04 10.80 21.84
C THR C 232 -12.70 12.27 22.08
N HIS C 233 -13.71 13.11 21.99
CA HIS C 233 -13.66 14.52 22.43
C HIS C 233 -14.93 14.78 23.23
N LYS C 234 -14.77 15.26 24.46
CA LYS C 234 -15.86 15.69 25.36
C LYS C 234 -15.56 17.15 25.72
N GLY C 235 -16.43 18.09 25.37
CA GLY C 235 -16.08 19.51 25.53
C GLY C 235 -17.20 20.48 25.25
N VAL C 236 -16.82 21.74 25.11
CA VAL C 236 -17.74 22.90 25.13
C VAL C 236 -17.79 23.51 23.72
N SER C 237 -18.99 23.58 23.14
CA SER C 237 -19.29 24.40 21.93
C SER C 237 -19.85 25.73 22.42
N GLY C 238 -19.10 26.82 22.26
CA GLY C 238 -19.45 28.14 22.81
C GLY C 238 -19.42 28.09 24.33
N LYS C 239 -20.59 28.01 24.94
CA LYS C 239 -20.76 27.90 26.43
C LYS C 239 -21.60 26.68 26.78
N THR C 240 -21.89 25.82 25.80
CA THR C 240 -22.71 24.58 25.99
C THR C 240 -21.77 23.39 26.22
N HIS C 241 -21.86 22.76 27.40
CA HIS C 241 -20.99 21.65 27.84
C HIS C 241 -21.56 20.30 27.42
N ASN C 242 -20.73 19.26 27.54
CA ASN C 242 -21.11 17.83 27.38
C ASN C 242 -21.42 17.56 25.93
N GLN C 243 -20.66 18.17 25.02
CA GLN C 243 -20.69 17.87 23.57
C GLN C 243 -19.80 16.63 23.38
N LEU C 244 -20.35 15.53 22.86
CA LEU C 244 -19.64 14.25 22.76
C LEU C 244 -19.39 13.92 21.29
N PHE C 245 -18.13 13.70 20.92
CA PHE C 245 -17.68 13.31 19.56
C PHE C 245 -16.76 12.11 19.66
N GLU C 246 -16.79 11.26 18.65
CA GLU C 246 -16.16 9.91 18.65
C GLU C 246 -15.84 9.58 17.19
N TYR C 247 -14.64 9.06 16.93
CA TYR C 247 -14.22 8.55 15.61
C TYR C 247 -13.52 7.21 15.81
N SER C 248 -13.88 6.21 15.01
CA SER C 248 -13.31 4.85 15.04
C SER C 248 -12.92 4.40 13.63
N MET C 249 -11.93 3.53 13.55
CA MET C 249 -11.69 2.76 12.31
C MET C 249 -10.99 1.44 12.66
N ARG C 250 -11.34 0.41 11.90
CA ARG C 250 -10.70 -0.93 11.86
C ARG C 250 -10.14 -1.04 10.44
N ILE C 251 -8.82 -1.00 10.29
CA ILE C 251 -8.17 -0.77 8.97
C ILE C 251 -6.92 -1.65 8.85
N ASN C 252 -6.49 -1.85 7.61
CA ASN C 252 -5.16 -2.40 7.25
C ASN C 252 -4.17 -1.24 7.38
N ASN C 253 -3.19 -1.37 8.28
CA ASN C 253 -2.26 -0.28 8.67
C ASN C 253 -1.49 0.26 7.46
N PRO C 254 -0.60 -0.53 6.80
CA PRO C 254 0.15 -0.01 5.65
C PRO C 254 -0.74 0.42 4.46
N ALA C 255 -1.87 -0.24 4.24
CA ALA C 255 -2.80 0.10 3.12
C ALA C 255 -3.29 1.54 3.31
N LEU C 256 -3.70 1.89 4.53
CA LEU C 256 -4.21 3.24 4.84
C LEU C 256 -3.08 4.25 4.79
N THR C 257 -1.96 3.97 5.47
CA THR C 257 -0.78 4.87 5.49
C THR C 257 -0.41 5.27 4.05
N SER C 258 -0.21 4.27 3.20
CA SER C 258 0.22 4.46 1.79
C SER C 258 -0.85 5.23 1.01
N GLN C 259 -2.14 4.90 1.22
CA GLN C 259 -3.24 5.56 0.47
C GLN C 259 -3.31 7.04 0.88
N PHE C 260 -3.18 7.38 2.15
CA PHE C 260 -3.24 8.79 2.58
C PHE C 260 -2.03 9.54 2.00
N MET C 261 -0.88 8.88 1.89
CA MET C 261 0.36 9.48 1.32
C MET C 261 0.11 9.82 -0.16
N VAL C 262 -0.58 8.95 -0.89
CA VAL C 262 -0.94 9.18 -2.31
C VAL C 262 -1.89 10.38 -2.37
N SER C 263 -2.94 10.41 -1.53
CA SER C 263 -3.87 11.55 -1.43
C SER C 263 -3.08 12.84 -1.12
N ALA C 264 -2.08 12.78 -0.24
CA ALA C 264 -1.25 13.96 0.14
C ALA C 264 -0.40 14.41 -1.05
N ALA C 265 0.12 13.45 -1.82
CA ALA C 265 0.95 13.72 -3.02
C ALA C 265 0.08 14.48 -4.02
N ARG C 266 -1.18 14.05 -4.19
CA ARG C 266 -2.15 14.74 -5.07
C ARG C 266 -2.29 16.19 -4.58
N ALA C 267 -2.46 16.38 -3.29
CA ALA C 267 -2.65 17.70 -2.68
C ALA C 267 -1.38 18.55 -2.89
N SER C 268 -0.20 17.92 -2.84
CA SER C 268 1.11 18.63 -2.89
C SER C 268 1.18 19.47 -4.18
N MET C 269 0.53 19.01 -5.25
CA MET C 269 0.61 19.64 -6.59
C MET C 269 -0.16 20.95 -6.62
N LYS C 270 -0.96 21.26 -5.59
CA LYS C 270 -1.87 22.44 -5.60
C LYS C 270 -1.51 23.48 -4.52
N GLN C 271 -0.37 23.35 -3.84
CA GLN C 271 0.03 24.26 -2.75
C GLN C 271 1.14 25.21 -3.24
N ARG C 272 1.25 26.37 -2.60
CA ARG C 272 2.38 27.29 -2.80
C ARG C 272 3.63 26.61 -2.22
N ALA C 273 4.78 26.85 -2.81
CA ALA C 273 6.06 26.25 -2.41
C ALA C 273 6.19 26.35 -0.88
N GLY C 274 6.62 25.25 -0.24
CA GLY C 274 6.86 25.17 1.21
C GLY C 274 6.62 23.77 1.75
N ALA C 275 6.79 23.61 3.07
CA ALA C 275 6.52 22.36 3.82
C ALA C 275 5.22 22.55 4.60
N TYR C 276 4.43 21.48 4.71
CA TYR C 276 3.06 21.47 5.26
C TYR C 276 2.81 20.18 6.05
N THR C 277 2.22 20.29 7.23
CA THR C 277 1.47 19.18 7.87
C THR C 277 0.11 19.09 7.16
N VAL C 278 -0.59 17.99 7.30
CA VAL C 278 -1.88 17.75 6.58
C VAL C 278 -3.00 18.62 7.15
N ILE C 279 -2.83 19.21 8.34
CA ILE C 279 -3.85 20.14 8.90
C ILE C 279 -3.71 21.53 8.26
N GLU C 280 -2.71 21.76 7.41
CA GLU C 280 -2.49 23.06 6.74
C GLU C 280 -2.88 22.97 5.25
N ILE C 281 -3.49 21.87 4.83
CA ILE C 281 -3.96 21.62 3.44
C ILE C 281 -5.48 21.60 3.46
N PRO C 282 -6.15 22.28 2.49
CA PRO C 282 -7.58 22.12 2.31
C PRO C 282 -7.95 20.67 2.00
N PRO C 283 -8.87 20.04 2.78
CA PRO C 283 -9.14 18.63 2.61
C PRO C 283 -9.51 18.21 1.19
N VAL C 284 -10.20 19.05 0.43
CA VAL C 284 -10.67 18.65 -0.94
C VAL C 284 -9.45 18.48 -1.87
N ASP C 285 -8.32 19.11 -1.58
CA ASP C 285 -7.07 19.02 -2.39
C ASP C 285 -6.51 17.59 -2.34
N PHE C 286 -6.89 16.78 -1.36
CA PHE C 286 -6.51 15.35 -1.28
C PHE C 286 -7.24 14.52 -2.35
N LEU C 287 -8.27 15.03 -3.02
CA LEU C 287 -9.19 14.19 -3.83
C LEU C 287 -9.03 14.44 -5.34
N ALA C 288 -9.14 13.37 -6.11
CA ALA C 288 -9.27 13.39 -7.58
C ALA C 288 -10.69 13.82 -7.94
N GLY C 289 -10.85 14.54 -9.05
CA GLY C 289 -12.16 14.84 -9.65
C GLY C 289 -12.37 16.33 -9.82
N ASP C 290 -13.54 16.70 -10.35
CA ASP C 290 -13.92 18.09 -10.67
C ASP C 290 -14.37 18.75 -9.36
N LEU C 291 -13.80 19.89 -8.98
CA LEU C 291 -14.12 20.58 -7.71
C LEU C 291 -15.65 20.57 -7.51
N ASN C 292 -16.42 21.06 -8.47
CA ASN C 292 -17.88 21.27 -8.28
C ASN C 292 -18.61 19.94 -8.12
N THR C 293 -18.18 18.87 -8.79
CA THR C 293 -18.79 17.53 -8.62
C THR C 293 -18.53 17.06 -7.19
N LEU C 294 -17.30 17.26 -6.71
CA LEU C 294 -16.85 16.88 -5.34
C LEU C 294 -17.67 17.64 -4.30
N ILE C 295 -17.85 18.96 -4.50
CA ILE C 295 -18.61 19.82 -3.57
C ILE C 295 -20.05 19.29 -3.48
N ALA C 296 -20.69 19.04 -4.63
CA ALA C 296 -22.09 18.54 -4.72
C ALA C 296 -22.20 17.20 -4.01
N LYS C 297 -21.18 16.36 -4.09
CA LYS C 297 -21.20 14.98 -3.55
C LYS C 297 -20.98 14.98 -2.03
N LEU C 298 -20.16 15.90 -1.51
CA LEU C 298 -19.56 15.83 -0.15
C LEU C 298 -20.17 16.85 0.81
N VAL C 299 -20.50 18.05 0.37
CA VAL C 299 -20.77 19.17 1.32
C VAL C 299 -22.23 19.10 1.79
N THR D 3 2.72 -36.81 2.82
CA THR D 3 3.66 -35.67 3.00
C THR D 3 2.87 -34.35 2.82
N LYS D 4 2.75 -33.85 1.60
CA LYS D 4 2.18 -32.52 1.28
C LYS D 4 0.86 -32.72 0.53
N ILE D 5 -0.18 -31.95 0.83
CA ILE D 5 -1.51 -32.09 0.16
C ILE D 5 -1.44 -31.39 -1.19
N LYS D 6 -1.62 -32.13 -2.27
CA LYS D 6 -1.40 -31.63 -3.66
C LYS D 6 -2.75 -31.16 -4.22
N VAL D 7 -2.85 -29.85 -4.49
CA VAL D 7 -4.16 -29.18 -4.78
C VAL D 7 -4.14 -28.50 -6.15
N ALA D 8 -5.23 -28.68 -6.90
CA ALA D 8 -5.51 -27.95 -8.15
C ALA D 8 -6.64 -26.95 -7.88
N ILE D 9 -6.55 -25.75 -8.45
CA ILE D 9 -7.67 -24.76 -8.41
C ILE D 9 -8.41 -24.81 -9.75
N VAL D 10 -9.68 -25.19 -9.75
CA VAL D 10 -10.51 -25.30 -10.99
C VAL D 10 -11.49 -24.13 -11.03
N GLY D 11 -11.43 -23.32 -12.09
CA GLY D 11 -12.09 -22.00 -12.17
C GLY D 11 -11.21 -20.96 -11.55
N TYR D 12 -11.28 -19.71 -12.01
CA TYR D 12 -10.47 -18.59 -11.49
C TYR D 12 -11.27 -17.28 -11.54
N GLY D 13 -12.44 -17.26 -10.90
CA GLY D 13 -13.19 -16.02 -10.65
C GLY D 13 -12.51 -15.15 -9.60
N ASN D 14 -13.31 -14.47 -8.78
CA ASN D 14 -12.83 -13.72 -7.59
C ASN D 14 -12.22 -14.70 -6.60
N ILE D 15 -12.94 -15.81 -6.33
CA ILE D 15 -12.57 -16.83 -5.31
C ILE D 15 -11.24 -17.47 -5.74
N GLY D 16 -11.04 -17.59 -7.06
CA GLY D 16 -9.84 -18.23 -7.62
C GLY D 16 -8.55 -17.55 -7.18
N ARG D 17 -8.46 -16.24 -7.33
CA ARG D 17 -7.23 -15.46 -7.00
C ARG D 17 -6.96 -15.62 -5.50
N PHE D 18 -8.01 -15.62 -4.68
CA PHE D 18 -7.87 -15.68 -3.20
C PHE D 18 -7.52 -17.11 -2.78
N ALA D 19 -8.08 -18.11 -3.48
CA ALA D 19 -7.74 -19.54 -3.30
C ALA D 19 -6.24 -19.75 -3.53
N LEU D 20 -5.68 -19.13 -4.57
CA LEU D 20 -4.24 -19.23 -4.90
C LEU D 20 -3.44 -18.72 -3.70
N GLU D 21 -3.83 -17.56 -3.17
CA GLU D 21 -3.17 -16.93 -2.00
C GLU D 21 -3.23 -17.89 -0.81
N ALA D 22 -4.39 -18.49 -0.54
CA ALA D 22 -4.61 -19.36 0.63
C ALA D 22 -3.75 -20.63 0.52
N VAL D 23 -3.70 -21.22 -0.69
CA VAL D 23 -2.89 -22.42 -0.98
C VAL D 23 -1.40 -22.10 -0.78
N GLN D 24 -0.91 -20.99 -1.33
CA GLN D 24 0.52 -20.63 -1.25
C GLN D 24 0.91 -20.43 0.21
N ALA D 25 0.04 -19.81 1.02
CA ALA D 25 0.28 -19.47 2.45
C ALA D 25 0.37 -20.73 3.30
N ALA D 26 -0.36 -21.78 2.95
CA ALA D 26 -0.41 -23.07 3.69
C ALA D 26 0.85 -23.91 3.40
N GLN D 27 1.70 -24.09 4.42
CA GLN D 27 2.97 -24.86 4.29
C GLN D 27 2.67 -26.30 3.93
N ASP D 28 1.52 -26.83 4.36
CA ASP D 28 1.18 -28.27 4.20
C ASP D 28 0.53 -28.51 2.83
N PHE D 29 0.36 -27.47 2.00
CA PHE D 29 -0.23 -27.59 0.63
C PHE D 29 0.83 -27.30 -0.42
N GLU D 30 0.77 -28.07 -1.51
CA GLU D 30 1.57 -27.89 -2.74
C GLU D 30 0.62 -27.60 -3.89
N LEU D 31 0.72 -26.41 -4.46
CA LEU D 31 -0.11 -25.98 -5.61
C LEU D 31 0.38 -26.70 -6.87
N VAL D 32 -0.40 -27.61 -7.43
CA VAL D 32 0.12 -28.37 -8.60
C VAL D 32 -0.39 -27.66 -9.87
N GLY D 33 -1.30 -26.68 -9.75
CA GLY D 33 -1.62 -25.74 -10.85
C GLY D 33 -3.06 -25.20 -10.81
N VAL D 34 -3.44 -24.40 -11.81
CA VAL D 34 -4.78 -23.77 -11.98
C VAL D 34 -5.38 -24.26 -13.29
N VAL D 35 -6.65 -24.66 -13.27
CA VAL D 35 -7.41 -25.20 -14.44
C VAL D 35 -8.46 -24.17 -14.83
N ARG D 36 -8.38 -23.62 -16.05
CA ARG D 36 -9.33 -22.61 -16.59
C ARG D 36 -9.59 -22.85 -18.08
N ARG D 37 -10.75 -22.45 -18.60
CA ARG D 37 -11.15 -22.61 -20.03
C ARG D 37 -10.24 -21.72 -20.91
N ASP D 38 -10.03 -20.46 -20.54
CA ASP D 38 -9.21 -19.47 -21.30
C ASP D 38 -7.79 -19.42 -20.72
N ILE D 39 -6.83 -20.07 -21.38
CA ILE D 39 -5.40 -20.15 -20.92
C ILE D 39 -4.64 -18.87 -21.30
N ASN D 40 -5.23 -17.94 -22.09
CA ASN D 40 -4.49 -16.82 -22.72
C ASN D 40 -4.72 -15.50 -21.96
N ASN D 41 -5.83 -15.41 -21.23
CA ASN D 41 -6.01 -14.41 -20.13
C ASN D 41 -5.14 -14.88 -18.96
N VAL D 42 -3.99 -14.24 -18.73
CA VAL D 42 -3.05 -14.60 -17.63
C VAL D 42 -2.73 -13.33 -16.84
N PRO D 43 -3.38 -13.09 -15.67
CA PRO D 43 -3.08 -11.92 -14.85
C PRO D 43 -1.72 -12.03 -14.15
N GLU D 44 -1.19 -10.92 -13.63
CA GLU D 44 0.21 -10.79 -13.11
C GLU D 44 0.57 -12.03 -12.26
N GLU D 45 -0.34 -12.47 -11.38
CA GLU D 45 -0.06 -13.48 -10.31
C GLU D 45 0.06 -14.90 -10.91
N LEU D 46 -0.41 -15.13 -12.14
CA LEU D 46 -0.36 -16.46 -12.82
C LEU D 46 0.77 -16.52 -13.85
N GLN D 47 1.70 -15.57 -13.86
CA GLN D 47 2.86 -15.55 -14.79
C GLN D 47 3.75 -16.77 -14.50
N ASN D 48 3.97 -17.11 -13.23
CA ASN D 48 4.89 -18.18 -12.80
C ASN D 48 4.10 -19.39 -12.32
N ILE D 49 2.78 -19.41 -12.55
CA ILE D 49 1.87 -20.52 -12.12
C ILE D 49 1.49 -21.36 -13.35
N THR D 50 1.57 -22.68 -13.23
CA THR D 50 1.07 -23.64 -14.24
C THR D 50 -0.43 -23.41 -14.44
N VAL D 51 -0.83 -23.10 -15.67
CA VAL D 51 -2.24 -22.92 -16.07
C VAL D 51 -2.55 -23.88 -17.22
N THR D 52 -3.54 -24.75 -17.06
CA THR D 52 -3.94 -25.77 -18.06
C THR D 52 -5.45 -25.69 -18.22
N ASN D 53 -5.98 -26.32 -19.26
CA ASN D 53 -7.45 -26.44 -19.46
C ASN D 53 -7.83 -27.91 -19.27
N ASP D 54 -6.91 -28.74 -18.79
CA ASP D 54 -7.25 -30.14 -18.38
C ASP D 54 -6.39 -30.57 -17.18
N ILE D 55 -7.06 -30.92 -16.09
CA ILE D 55 -6.45 -31.23 -14.77
C ILE D 55 -5.47 -32.41 -14.91
N LYS D 56 -5.64 -33.25 -15.93
CA LYS D 56 -4.79 -34.46 -16.16
C LYS D 56 -3.32 -34.06 -16.34
N THR D 57 -3.05 -32.89 -16.92
CA THR D 57 -1.68 -32.41 -17.23
C THR D 57 -0.93 -32.01 -15.95
N LEU D 58 -1.59 -31.95 -14.79
CA LEU D 58 -0.96 -31.48 -13.53
C LEU D 58 -0.35 -32.66 -12.75
N GLY D 59 -0.56 -33.88 -13.22
CA GLY D 59 0.04 -35.09 -12.62
C GLY D 59 -0.78 -35.53 -11.42
N ASP D 60 -0.10 -35.85 -10.33
CA ASP D 60 -0.76 -36.38 -9.11
C ASP D 60 -1.34 -35.20 -8.35
N VAL D 61 -2.67 -35.24 -8.20
CA VAL D 61 -3.49 -34.22 -7.50
C VAL D 61 -4.33 -34.94 -6.45
N ASP D 62 -4.17 -34.56 -5.19
CA ASP D 62 -4.96 -35.11 -4.06
C ASP D 62 -6.38 -34.50 -4.09
N VAL D 63 -6.50 -33.19 -4.31
CA VAL D 63 -7.80 -32.49 -4.13
C VAL D 63 -7.90 -31.27 -5.06
N ALA D 64 -9.12 -30.99 -5.53
CA ALA D 64 -9.43 -29.84 -6.41
C ALA D 64 -10.36 -28.87 -5.67
N LEU D 65 -10.00 -27.59 -5.63
CA LEU D 65 -10.88 -26.50 -5.16
C LEU D 65 -11.72 -26.05 -6.35
N LEU D 66 -13.03 -26.30 -6.34
CA LEU D 66 -13.94 -25.90 -7.44
C LEU D 66 -14.37 -24.45 -7.22
N CYS D 67 -13.70 -23.53 -7.91
CA CYS D 67 -13.95 -22.07 -7.84
C CYS D 67 -14.70 -21.63 -9.09
N SER D 68 -15.75 -22.36 -9.46
CA SER D 68 -16.52 -22.21 -10.72
C SER D 68 -17.91 -21.71 -10.39
N PRO D 69 -18.70 -21.25 -11.39
CA PRO D 69 -20.07 -20.82 -11.13
C PRO D 69 -20.92 -21.92 -10.49
N THR D 70 -21.90 -21.52 -9.69
CA THR D 70 -22.85 -22.39 -8.96
C THR D 70 -23.38 -23.50 -9.88
N ARG D 71 -23.87 -23.16 -11.07
CA ARG D 71 -24.59 -24.10 -11.99
C ARG D 71 -23.63 -25.20 -12.47
N ALA D 72 -22.31 -24.97 -12.45
CA ALA D 72 -21.29 -25.90 -12.99
C ALA D 72 -20.82 -26.92 -11.93
N ILE D 73 -21.03 -26.65 -10.64
CA ILE D 73 -20.36 -27.38 -9.52
C ILE D 73 -20.69 -28.88 -9.59
N LYS D 74 -21.94 -29.26 -9.78
CA LYS D 74 -22.34 -30.70 -9.69
C LYS D 74 -21.60 -31.52 -10.75
N GLU D 75 -21.75 -31.19 -12.04
CA GLU D 75 -21.11 -31.97 -13.16
C GLU D 75 -19.60 -31.91 -13.02
N LEU D 76 -19.06 -30.78 -12.58
CA LEU D 76 -17.60 -30.55 -12.41
C LEU D 76 -17.05 -31.51 -11.34
N ALA D 77 -17.76 -31.64 -10.23
CA ALA D 77 -17.33 -32.46 -9.07
C ALA D 77 -17.37 -33.94 -9.43
N LYS D 78 -18.43 -34.40 -10.09
CA LYS D 78 -18.54 -35.80 -10.57
C LYS D 78 -17.37 -36.15 -11.49
N SER D 79 -17.03 -35.27 -12.44
CA SER D 79 -15.91 -35.47 -13.41
C SER D 79 -14.62 -35.70 -12.62
N ILE D 80 -14.35 -34.83 -11.64
CA ILE D 80 -13.04 -34.81 -10.94
C ILE D 80 -12.99 -35.93 -9.89
N LEU D 81 -14.10 -36.24 -9.24
CA LEU D 81 -14.16 -37.40 -8.32
C LEU D 81 -13.87 -38.66 -9.14
N SER D 82 -14.40 -38.72 -10.37
CA SER D 82 -14.28 -39.88 -11.30
C SER D 82 -12.82 -40.10 -11.72
N LEU D 83 -11.97 -39.08 -11.64
CA LEU D 83 -10.53 -39.19 -11.95
C LEU D 83 -9.75 -39.61 -10.70
N GLY D 84 -10.42 -39.85 -9.56
CA GLY D 84 -9.76 -40.24 -8.30
C GLY D 84 -9.12 -39.05 -7.59
N ILE D 85 -9.76 -37.88 -7.66
CA ILE D 85 -9.34 -36.62 -6.99
C ILE D 85 -10.48 -36.17 -6.06
N ASN D 86 -10.16 -35.68 -4.87
CA ASN D 86 -11.14 -35.11 -3.92
C ASN D 86 -11.60 -33.74 -4.43
N THR D 87 -12.80 -33.32 -4.01
CA THR D 87 -13.39 -32.03 -4.41
C THR D 87 -13.84 -31.26 -3.17
N VAL D 88 -13.58 -29.94 -3.18
CA VAL D 88 -14.17 -28.96 -2.24
C VAL D 88 -14.86 -27.89 -3.07
N ASP D 89 -16.08 -27.52 -2.73
CA ASP D 89 -16.79 -26.38 -3.36
C ASP D 89 -17.38 -25.48 -2.27
N SER D 90 -17.89 -24.31 -2.65
CA SER D 90 -18.62 -23.39 -1.76
C SER D 90 -20.05 -23.21 -2.31
N PHE D 91 -20.59 -24.25 -2.94
CA PHE D 91 -21.97 -24.30 -3.46
C PHE D 91 -22.92 -23.62 -2.47
N ASP D 92 -23.57 -22.53 -2.90
CA ASP D 92 -24.21 -21.53 -2.01
C ASP D 92 -25.75 -21.62 -2.03
N VAL D 93 -26.35 -22.57 -2.74
CA VAL D 93 -27.84 -22.68 -2.82
C VAL D 93 -28.33 -23.62 -1.71
N HIS D 94 -28.73 -23.05 -0.58
CA HIS D 94 -29.07 -23.78 0.68
C HIS D 94 -30.08 -24.89 0.41
N SER D 95 -31.16 -24.60 -0.32
CA SER D 95 -32.30 -25.53 -0.56
C SER D 95 -31.84 -26.77 -1.34
N GLU D 96 -30.68 -26.73 -2.02
CA GLU D 96 -30.25 -27.81 -2.94
C GLU D 96 -29.09 -28.60 -2.34
N ILE D 97 -28.66 -28.32 -1.12
CA ILE D 97 -27.45 -28.94 -0.50
C ILE D 97 -27.66 -30.43 -0.24
N VAL D 98 -28.82 -30.82 0.28
CA VAL D 98 -29.13 -32.26 0.54
C VAL D 98 -29.05 -33.06 -0.77
N SER D 99 -29.60 -32.54 -1.88
CA SER D 99 -29.54 -33.15 -3.23
C SER D 99 -28.09 -33.30 -3.69
N LEU D 100 -27.33 -32.21 -3.63
CA LEU D 100 -25.92 -32.19 -4.10
C LEU D 100 -25.16 -33.27 -3.32
N LYS D 101 -25.39 -33.37 -2.00
CA LYS D 101 -24.66 -34.32 -1.13
C LYS D 101 -24.88 -35.75 -1.62
N THR D 102 -26.12 -36.14 -1.86
CA THR D 102 -26.47 -37.51 -2.30
C THR D 102 -25.92 -37.81 -3.70
N GLU D 103 -26.00 -36.86 -4.64
CA GLU D 103 -25.48 -37.03 -6.02
C GLU D 103 -23.97 -37.33 -5.92
N LEU D 104 -23.24 -36.53 -5.15
CA LEU D 104 -21.76 -36.63 -5.04
C LEU D 104 -21.35 -37.82 -4.17
N ASP D 105 -22.18 -38.22 -3.20
CA ASP D 105 -21.87 -39.35 -2.27
C ASP D 105 -21.71 -40.65 -3.07
N ASP D 106 -22.67 -40.93 -3.99
CA ASP D 106 -22.68 -42.08 -4.94
C ASP D 106 -21.28 -42.15 -5.57
N VAL D 107 -20.87 -41.07 -6.23
CA VAL D 107 -19.68 -40.99 -7.12
C VAL D 107 -18.40 -41.05 -6.26
N ALA D 108 -18.36 -40.29 -5.16
CA ALA D 108 -17.21 -40.28 -4.24
C ALA D 108 -16.93 -41.70 -3.75
N LYS D 109 -17.98 -42.47 -3.46
CA LYS D 109 -17.86 -43.83 -2.88
C LYS D 109 -17.38 -44.81 -3.96
N LYS D 110 -17.91 -44.74 -5.18
CA LYS D 110 -17.46 -45.61 -6.31
C LYS D 110 -15.94 -45.45 -6.49
N HIS D 111 -15.40 -44.22 -6.41
CA HIS D 111 -13.99 -43.90 -6.75
C HIS D 111 -13.12 -43.73 -5.49
N ASP D 112 -13.67 -44.09 -4.33
CA ASP D 112 -12.96 -44.10 -3.02
C ASP D 112 -12.36 -42.71 -2.73
N ARG D 113 -13.10 -41.64 -3.00
CA ARG D 113 -12.66 -40.23 -2.77
C ARG D 113 -13.65 -39.53 -1.84
N VAL D 114 -13.29 -38.31 -1.43
CA VAL D 114 -14.09 -37.44 -0.53
C VAL D 114 -14.47 -36.17 -1.28
N ALA D 115 -15.74 -35.78 -1.17
CA ALA D 115 -16.26 -34.48 -1.59
C ALA D 115 -16.71 -33.72 -0.34
N VAL D 116 -16.18 -32.52 -0.13
CA VAL D 116 -16.71 -31.58 0.89
C VAL D 116 -17.43 -30.47 0.13
N ILE D 117 -18.73 -30.31 0.39
CA ILE D 117 -19.60 -29.37 -0.34
C ILE D 117 -19.94 -28.18 0.57
N SER D 118 -20.26 -27.04 -0.04
CA SER D 118 -20.88 -25.88 0.62
C SER D 118 -20.00 -25.43 1.81
N ALA D 119 -18.70 -25.28 1.52
CA ALA D 119 -17.62 -24.97 2.48
C ALA D 119 -17.11 -23.54 2.24
N GLY D 120 -18.04 -22.59 2.16
CA GLY D 120 -17.74 -21.15 2.21
C GLY D 120 -17.89 -20.63 3.63
N TRP D 121 -18.41 -19.42 3.83
CA TRP D 121 -18.76 -18.95 5.18
C TRP D 121 -20.28 -19.04 5.41
N ASP D 122 -21.10 -19.02 4.35
CA ASP D 122 -22.56 -19.28 4.50
C ASP D 122 -23.16 -19.65 3.15
N PRO D 123 -23.36 -20.95 2.85
CA PRO D 123 -23.07 -22.05 3.79
C PRO D 123 -21.57 -22.33 4.01
N GLY D 124 -21.23 -22.87 5.19
CA GLY D 124 -19.86 -23.18 5.61
C GLY D 124 -19.66 -22.90 7.09
N SER D 125 -18.69 -22.04 7.44
CA SER D 125 -18.36 -21.64 8.83
C SER D 125 -19.65 -21.39 9.61
N ASP D 126 -20.48 -20.47 9.12
CA ASP D 126 -21.74 -20.07 9.79
C ASP D 126 -22.55 -21.32 10.15
N SER D 127 -22.58 -22.30 9.24
CA SER D 127 -23.35 -23.56 9.40
C SER D 127 -22.91 -24.28 10.69
N ILE D 128 -21.61 -24.33 10.95
CA ILE D 128 -21.03 -24.96 12.17
C ILE D 128 -21.48 -24.17 13.41
N VAL D 129 -21.41 -22.84 13.37
CA VAL D 129 -21.84 -21.99 14.51
C VAL D 129 -23.34 -22.25 14.77
N ARG D 130 -24.19 -22.32 13.73
CA ARG D 130 -25.64 -22.54 13.91
C ARG D 130 -25.87 -23.91 14.56
N THR D 131 -25.08 -24.91 14.16
CA THR D 131 -25.13 -26.28 14.72
C THR D 131 -24.74 -26.23 16.19
N LEU D 132 -23.64 -25.55 16.52
CA LEU D 132 -23.16 -25.43 17.92
C LEU D 132 -24.23 -24.79 18.78
N MET D 133 -24.98 -23.85 18.23
CA MET D 133 -26.00 -23.11 19.01
C MET D 133 -27.12 -24.06 19.43
N LEU D 134 -27.48 -25.03 18.60
CA LEU D 134 -28.51 -26.04 18.95
C LEU D 134 -27.94 -27.05 19.95
N ALA D 135 -26.62 -27.31 19.89
CA ALA D 135 -25.95 -28.24 20.83
C ALA D 135 -25.94 -27.63 22.23
N MET D 136 -25.86 -26.30 22.31
CA MET D 136 -25.77 -25.54 23.57
C MET D 136 -27.17 -25.22 24.10
N ALA D 137 -28.14 -25.06 23.21
CA ALA D 137 -29.53 -24.69 23.57
C ALA D 137 -30.46 -25.13 22.44
N PRO D 138 -30.95 -26.39 22.48
CA PRO D 138 -31.69 -26.97 21.36
C PRO D 138 -33.01 -26.26 21.06
N LYS D 139 -33.68 -25.70 22.07
CA LYS D 139 -34.95 -24.95 21.89
C LYS D 139 -34.65 -23.46 21.79
N GLY D 140 -35.48 -22.72 21.07
CA GLY D 140 -35.33 -21.27 20.83
C GLY D 140 -35.12 -20.96 19.35
N ILE D 141 -34.68 -19.73 19.07
CA ILE D 141 -34.66 -19.18 17.69
C ILE D 141 -33.24 -18.71 17.35
N THR D 142 -32.75 -19.07 16.16
CA THR D 142 -31.50 -18.56 15.55
C THR D 142 -31.86 -17.63 14.40
N TYR D 143 -31.19 -16.48 14.31
CA TYR D 143 -31.28 -15.56 13.15
C TYR D 143 -29.87 -15.37 12.59
N THR D 144 -29.77 -15.29 11.27
CA THR D 144 -28.49 -14.97 10.58
C THR D 144 -28.69 -13.66 9.81
N ASN D 145 -27.92 -12.63 10.16
CA ASN D 145 -28.03 -11.26 9.62
C ASN D 145 -26.78 -10.93 8.80
N PHE D 146 -26.93 -10.71 7.50
CA PHE D 146 -25.82 -10.51 6.54
C PHE D 146 -25.56 -9.02 6.30
N GLY D 147 -24.29 -8.68 6.16
CA GLY D 147 -23.82 -7.39 5.60
C GLY D 147 -23.43 -6.40 6.68
N PRO D 148 -23.17 -5.13 6.33
CA PRO D 148 -23.31 -4.67 4.95
C PRO D 148 -22.31 -5.38 4.02
N GLY D 149 -22.77 -5.78 2.84
CA GLY D 149 -21.93 -6.37 1.78
C GLY D 149 -22.62 -6.40 0.43
N MET D 150 -21.87 -6.67 -0.65
CA MET D 150 -22.43 -6.78 -2.02
C MET D 150 -23.14 -8.13 -2.12
N SER D 151 -24.27 -8.18 -2.82
CA SER D 151 -24.95 -9.43 -3.27
C SER D 151 -24.87 -9.51 -4.79
N MET D 152 -24.03 -10.39 -5.32
CA MET D 152 -23.86 -10.61 -6.78
C MET D 152 -25.20 -11.08 -7.37
N GLY D 153 -25.89 -12.04 -6.75
CA GLY D 153 -27.25 -12.48 -7.15
C GLY D 153 -28.15 -11.29 -7.47
N HIS D 154 -28.28 -10.36 -6.52
CA HIS D 154 -29.18 -9.18 -6.56
C HIS D 154 -28.64 -8.13 -7.54
N SER D 155 -27.32 -7.99 -7.65
CA SER D 155 -26.67 -7.06 -8.62
C SER D 155 -27.07 -7.48 -10.05
N VAL D 156 -26.89 -8.76 -10.39
CA VAL D 156 -27.26 -9.40 -11.70
C VAL D 156 -28.74 -9.14 -11.98
N ALA D 157 -29.62 -9.50 -11.04
CA ALA D 157 -31.09 -9.37 -11.15
C ALA D 157 -31.47 -7.93 -11.50
N ALA D 158 -30.76 -6.94 -10.97
CA ALA D 158 -31.08 -5.52 -11.21
C ALA D 158 -30.50 -5.07 -12.56
N LYS D 159 -29.29 -5.54 -12.91
CA LYS D 159 -28.58 -5.26 -14.20
C LYS D 159 -29.47 -5.74 -15.36
N ALA D 160 -30.10 -6.91 -15.18
CA ALA D 160 -30.94 -7.61 -16.16
C ALA D 160 -32.34 -6.99 -16.26
N ILE D 161 -32.49 -5.70 -16.03
CA ILE D 161 -33.79 -4.97 -16.19
C ILE D 161 -33.58 -3.88 -17.25
N GLU D 162 -34.67 -3.50 -17.93
CA GLU D 162 -34.68 -2.50 -19.03
C GLU D 162 -34.28 -1.14 -18.44
N GLY D 163 -33.29 -0.47 -19.02
CA GLY D 163 -32.88 0.90 -18.65
C GLY D 163 -31.64 0.91 -17.76
N VAL D 164 -31.18 -0.28 -17.34
CA VAL D 164 -30.07 -0.46 -16.37
C VAL D 164 -28.84 -0.92 -17.16
N LYS D 165 -27.84 -0.06 -17.30
CA LYS D 165 -26.53 -0.38 -17.92
C LYS D 165 -25.78 -1.28 -16.94
N ASP D 166 -25.57 -0.82 -15.71
CA ASP D 166 -24.89 -1.56 -14.61
C ASP D 166 -25.66 -1.35 -13.30
N ALA D 167 -25.48 -2.26 -12.35
CA ALA D 167 -26.12 -2.19 -11.02
C ALA D 167 -25.21 -2.81 -9.95
N LEU D 168 -25.32 -2.28 -8.73
CA LEU D 168 -24.73 -2.86 -7.50
C LEU D 168 -25.83 -2.92 -6.43
N SER D 169 -26.10 -4.10 -5.88
CA SER D 169 -27.05 -4.31 -4.77
C SER D 169 -26.27 -4.57 -3.48
N MET D 170 -26.50 -3.74 -2.46
CA MET D 170 -25.96 -3.91 -1.09
C MET D 170 -27.01 -4.60 -0.21
N THR D 171 -26.59 -5.58 0.57
CA THR D 171 -27.41 -6.26 1.60
C THR D 171 -27.12 -5.62 2.96
N ILE D 172 -28.14 -5.12 3.63
CA ILE D 172 -28.05 -4.37 4.91
C ILE D 172 -28.84 -5.11 5.98
N PRO D 173 -28.24 -5.49 7.11
CA PRO D 173 -28.95 -6.23 8.14
C PRO D 173 -29.82 -5.30 9.00
N LEU D 174 -31.09 -5.66 9.18
CA LEU D 174 -32.05 -4.94 10.05
C LEU D 174 -32.48 -5.83 11.22
N GLY D 175 -31.82 -6.98 11.42
CA GLY D 175 -32.11 -7.89 12.55
C GLY D 175 -33.16 -8.95 12.20
N THR D 176 -33.23 -10.02 13.00
CA THR D 176 -34.19 -11.15 12.89
C THR D 176 -34.34 -11.58 11.43
N GLY D 177 -33.21 -11.65 10.71
CA GLY D 177 -33.06 -12.19 9.35
C GLY D 177 -33.68 -11.31 8.28
N VAL D 178 -34.14 -10.11 8.64
CA VAL D 178 -34.77 -9.14 7.71
C VAL D 178 -33.69 -8.24 7.12
N HIS D 179 -33.76 -7.99 5.82
CA HIS D 179 -32.69 -7.30 5.06
C HIS D 179 -33.26 -6.10 4.33
N ARG D 180 -32.47 -5.03 4.27
CA ARG D 180 -32.71 -3.85 3.42
C ARG D 180 -31.82 -4.00 2.20
N ARG D 181 -32.28 -3.63 1.01
CA ARG D 181 -31.43 -3.70 -0.20
C ARG D 181 -31.24 -2.30 -0.74
N MET D 182 -30.00 -1.84 -0.80
CA MET D 182 -29.62 -0.54 -1.40
C MET D 182 -29.08 -0.84 -2.79
N VAL D 183 -29.82 -0.43 -3.82
CA VAL D 183 -29.47 -0.71 -5.24
C VAL D 183 -29.00 0.61 -5.87
N TYR D 184 -27.78 0.59 -6.39
CA TYR D 184 -27.14 1.71 -7.13
C TYR D 184 -27.12 1.33 -8.62
N VAL D 185 -27.68 2.19 -9.48
CA VAL D 185 -27.85 1.91 -10.95
C VAL D 185 -27.19 3.01 -11.78
N GLU D 186 -26.49 2.57 -12.82
CA GLU D 186 -26.10 3.31 -14.04
C GLU D 186 -27.24 3.14 -15.05
N LEU D 187 -27.88 4.23 -15.48
CA LEU D 187 -29.00 4.18 -16.46
C LEU D 187 -28.45 4.16 -17.89
N GLU D 188 -29.07 3.38 -18.79
CA GLU D 188 -28.75 3.42 -20.25
C GLU D 188 -29.15 4.80 -20.77
N ALA D 189 -28.33 5.40 -21.65
CA ALA D 189 -28.56 6.76 -22.23
C ALA D 189 -30.03 6.83 -22.65
N GLY D 190 -30.82 7.70 -22.02
CA GLY D 190 -32.23 7.97 -22.39
C GLY D 190 -33.29 7.14 -21.65
N ALA D 191 -32.93 6.33 -20.65
CA ALA D 191 -33.90 5.51 -19.85
C ALA D 191 -34.60 6.40 -18.82
N ASN D 192 -35.79 5.99 -18.37
CA ASN D 192 -36.64 6.74 -17.40
C ASN D 192 -36.44 6.17 -15.98
N PHE D 193 -35.95 7.00 -15.05
CA PHE D 193 -35.58 6.54 -13.69
C PHE D 193 -36.78 5.86 -13.02
N ASN D 194 -37.94 6.51 -12.97
CA ASN D 194 -39.09 6.06 -12.14
C ASN D 194 -39.59 4.70 -12.63
N GLN D 195 -39.47 4.39 -13.93
CA GLN D 195 -39.85 3.07 -14.50
C GLN D 195 -38.88 2.02 -13.98
N VAL D 196 -37.58 2.32 -14.05
CA VAL D 196 -36.46 1.42 -13.65
C VAL D 196 -36.61 1.10 -12.14
N GLU D 197 -36.76 2.14 -11.32
CA GLU D 197 -36.94 2.06 -9.85
C GLU D 197 -38.11 1.11 -9.52
N GLN D 198 -39.32 1.36 -10.05
CA GLN D 198 -40.54 0.56 -9.75
C GLN D 198 -40.36 -0.89 -10.19
N ALA D 199 -39.64 -1.10 -11.32
CA ALA D 199 -39.40 -2.42 -11.95
C ALA D 199 -38.47 -3.24 -11.07
N ILE D 200 -37.41 -2.60 -10.53
CA ILE D 200 -36.43 -3.23 -9.61
C ILE D 200 -37.18 -3.63 -8.32
N LYS D 201 -37.99 -2.73 -7.78
CA LYS D 201 -38.72 -2.93 -6.50
C LYS D 201 -39.75 -4.05 -6.65
N ALA D 202 -40.32 -4.22 -7.84
CA ALA D 202 -41.38 -5.22 -8.12
C ALA D 202 -40.79 -6.57 -8.55
N ASP D 203 -39.53 -6.61 -9.03
CA ASP D 203 -38.84 -7.86 -9.45
C ASP D 203 -38.88 -8.88 -8.30
N SER D 204 -38.91 -10.18 -8.59
CA SER D 204 -39.09 -11.27 -7.60
C SER D 204 -37.90 -11.28 -6.59
N TYR D 205 -36.71 -10.85 -7.02
CA TYR D 205 -35.50 -10.83 -6.19
C TYR D 205 -35.57 -9.74 -5.10
N PHE D 206 -36.48 -8.78 -5.19
CA PHE D 206 -36.51 -7.55 -4.34
C PHE D 206 -37.88 -7.29 -3.69
N SER D 207 -38.95 -7.95 -4.15
CA SER D 207 -40.35 -7.57 -3.82
C SER D 207 -40.69 -7.94 -2.38
N SER D 208 -39.96 -8.91 -1.79
CA SER D 208 -40.12 -9.35 -0.38
C SER D 208 -39.47 -8.37 0.60
N ASP D 209 -38.58 -7.50 0.12
CA ASP D 209 -37.60 -6.78 0.98
C ASP D 209 -37.74 -5.27 0.76
N GLU D 210 -37.58 -4.50 1.83
CA GLU D 210 -37.37 -3.04 1.77
C GLU D 210 -36.21 -2.79 0.80
N THR D 211 -36.48 -2.11 -0.30
CA THR D 211 -35.52 -1.85 -1.40
C THR D 211 -35.51 -0.37 -1.73
N HIS D 212 -34.32 0.22 -1.77
CA HIS D 212 -34.07 1.63 -2.17
C HIS D 212 -33.24 1.60 -3.45
N VAL D 213 -33.46 2.56 -4.34
CA VAL D 213 -32.71 2.67 -5.63
C VAL D 213 -32.20 4.10 -5.76
N LYS D 214 -30.90 4.27 -6.00
CA LYS D 214 -30.27 5.57 -6.28
C LYS D 214 -29.54 5.45 -7.62
N GLN D 215 -29.61 6.50 -8.44
CA GLN D 215 -28.87 6.59 -9.71
C GLN D 215 -27.47 7.12 -9.40
N VAL D 216 -26.45 6.59 -10.09
CA VAL D 216 -25.02 7.03 -9.93
C VAL D 216 -24.36 7.06 -11.31
N ASP D 217 -23.23 7.78 -11.41
CA ASP D 217 -22.37 7.87 -12.62
C ASP D 217 -21.62 6.54 -12.80
N SER D 218 -20.74 6.19 -11.85
CA SER D 218 -19.88 4.98 -11.83
C SER D 218 -20.32 4.06 -10.69
N VAL D 219 -20.85 2.88 -11.01
CA VAL D 219 -21.17 1.80 -10.01
C VAL D 219 -19.87 1.16 -9.48
N ASP D 220 -18.81 1.12 -10.29
CA ASP D 220 -17.56 0.40 -9.95
C ASP D 220 -16.89 1.01 -8.72
N SER D 221 -16.90 2.35 -8.58
CA SER D 221 -16.18 3.04 -7.47
C SER D 221 -16.88 2.79 -6.11
N LEU D 222 -18.06 2.17 -6.11
CA LEU D 222 -18.81 1.86 -4.86
C LEU D 222 -18.46 0.45 -4.37
N LYS D 223 -17.90 -0.40 -5.24
CA LYS D 223 -17.67 -1.84 -4.97
C LYS D 223 -16.64 -2.02 -3.86
N ASP D 224 -16.94 -2.87 -2.89
CA ASP D 224 -16.01 -3.33 -1.84
C ASP D 224 -16.41 -4.76 -1.42
N VAL D 225 -15.45 -5.68 -1.34
CA VAL D 225 -15.75 -7.14 -1.16
C VAL D 225 -15.79 -7.45 0.35
N GLY D 226 -15.73 -6.41 1.18
CA GLY D 226 -16.04 -6.54 2.61
C GLY D 226 -17.44 -7.06 2.81
N HIS D 227 -17.66 -7.87 3.82
CA HIS D 227 -18.99 -8.42 4.15
C HIS D 227 -19.02 -8.74 5.64
N GLY D 228 -20.04 -9.44 6.11
CA GLY D 228 -20.19 -9.62 7.56
C GLY D 228 -21.42 -10.41 7.93
N VAL D 229 -21.45 -10.88 9.16
CA VAL D 229 -22.63 -11.59 9.68
C VAL D 229 -22.76 -11.25 11.15
N HIS D 230 -23.99 -11.20 11.63
CA HIS D 230 -24.34 -11.18 13.08
C HIS D 230 -25.35 -12.29 13.28
N MET D 231 -24.95 -13.40 13.91
CA MET D 231 -25.87 -14.51 14.25
C MET D 231 -26.24 -14.41 15.73
N THR D 232 -27.53 -14.59 16.03
CA THR D 232 -28.08 -14.60 17.40
C THR D 232 -28.79 -15.93 17.62
N HIS D 233 -28.71 -16.43 18.86
CA HIS D 233 -29.52 -17.55 19.36
C HIS D 233 -29.98 -17.16 20.74
N LYS D 234 -31.30 -17.21 20.95
CA LYS D 234 -31.96 -17.03 22.27
C LYS D 234 -32.76 -18.32 22.53
N GLY D 235 -32.44 -19.07 23.57
CA GLY D 235 -33.19 -20.32 23.80
C GLY D 235 -32.85 -21.00 25.11
N VAL D 236 -33.15 -22.30 25.16
CA VAL D 236 -33.22 -23.08 26.41
C VAL D 236 -32.08 -24.08 26.43
N SER D 237 -31.24 -24.03 27.46
CA SER D 237 -30.27 -25.10 27.82
C SER D 237 -30.97 -25.97 28.87
N GLY D 238 -31.30 -27.21 28.52
CA GLY D 238 -32.08 -28.12 29.37
C GLY D 238 -33.47 -27.57 29.61
N LYS D 239 -33.70 -26.98 30.78
CA LYS D 239 -34.99 -26.32 31.13
C LYS D 239 -34.76 -24.87 31.54
N THR D 240 -33.57 -24.34 31.35
CA THR D 240 -33.17 -22.95 31.69
C THR D 240 -33.31 -22.05 30.46
N HIS D 241 -34.21 -21.07 30.51
CA HIS D 241 -34.55 -20.14 29.41
C HIS D 241 -33.65 -18.90 29.43
N ASN D 242 -33.70 -18.14 28.32
CA ASN D 242 -33.05 -16.81 28.16
C ASN D 242 -31.54 -17.00 28.12
N GLN D 243 -31.07 -18.07 27.49
CA GLN D 243 -29.65 -18.29 27.15
C GLN D 243 -29.36 -17.48 25.89
N LEU D 244 -28.42 -16.54 25.95
CA LEU D 244 -28.14 -15.58 24.86
C LEU D 244 -26.77 -15.88 24.26
N PHE D 245 -26.72 -16.14 22.94
CA PHE D 245 -25.48 -16.38 22.18
C PHE D 245 -25.46 -15.50 20.95
N GLU D 246 -24.28 -15.08 20.54
CA GLU D 246 -24.07 -14.08 19.47
C GLU D 246 -22.72 -14.38 18.80
N TYR D 247 -22.65 -14.32 17.48
CA TYR D 247 -21.40 -14.41 16.68
C TYR D 247 -21.39 -13.31 15.63
N SER D 248 -20.28 -12.59 15.50
CA SER D 248 -20.09 -11.50 14.52
C SER D 248 -18.78 -11.68 13.77
N MET D 249 -18.72 -11.19 12.54
CA MET D 249 -17.44 -11.00 11.83
C MET D 249 -17.58 -9.87 10.80
N ARG D 250 -16.50 -9.13 10.65
CA ARG D 250 -16.25 -8.12 9.59
C ARG D 250 -15.08 -8.68 8.79
N ILE D 251 -15.31 -9.13 7.55
CA ILE D 251 -14.34 -9.97 6.80
C ILE D 251 -14.30 -9.57 5.34
N ASN D 252 -13.20 -9.95 4.70
CA ASN D 252 -13.06 -9.94 3.22
C ASN D 252 -13.76 -11.20 2.71
N ASN D 253 -14.80 -11.05 1.90
CA ASN D 253 -15.71 -12.14 1.47
C ASN D 253 -14.94 -13.25 0.76
N PRO D 254 -14.37 -13.01 -0.45
CA PRO D 254 -13.62 -14.07 -1.15
C PRO D 254 -12.40 -14.61 -0.38
N ALA D 255 -11.70 -13.78 0.40
CA ALA D 255 -10.54 -14.21 1.19
C ALA D 255 -10.97 -15.30 2.20
N LEU D 256 -12.08 -15.08 2.90
CA LEU D 256 -12.62 -16.05 3.89
C LEU D 256 -13.13 -17.29 3.16
N THR D 257 -13.98 -17.12 2.14
CA THR D 257 -14.55 -18.24 1.36
C THR D 257 -13.42 -19.18 0.92
N SER D 258 -12.40 -18.64 0.26
CA SER D 258 -11.27 -19.41 -0.30
C SER D 258 -10.48 -20.08 0.84
N GLN D 259 -10.25 -19.37 1.94
CA GLN D 259 -9.45 -19.91 3.07
C GLN D 259 -10.21 -21.08 3.70
N PHE D 260 -11.52 -20.97 3.90
CA PHE D 260 -12.30 -22.08 4.52
C PHE D 260 -12.28 -23.29 3.57
N MET D 261 -12.28 -23.05 2.25
CA MET D 261 -12.22 -24.12 1.22
C MET D 261 -10.90 -24.88 1.34
N VAL D 262 -9.81 -24.15 1.57
CA VAL D 262 -8.47 -24.77 1.77
C VAL D 262 -8.51 -25.61 3.06
N SER D 263 -9.03 -25.04 4.16
CA SER D 263 -9.20 -25.79 5.44
C SER D 263 -10.05 -27.06 5.18
N ALA D 264 -11.10 -26.97 4.37
CA ALA D 264 -11.99 -28.11 4.06
C ALA D 264 -11.24 -29.17 3.25
N ALA D 265 -10.39 -28.72 2.31
CA ALA D 265 -9.56 -29.61 1.46
C ALA D 265 -8.64 -30.40 2.38
N ARG D 266 -8.05 -29.74 3.37
CA ARG D 266 -7.17 -30.40 4.38
C ARG D 266 -7.99 -31.48 5.06
N ALA D 267 -9.21 -31.15 5.49
CA ALA D 267 -10.08 -32.09 6.23
C ALA D 267 -10.46 -33.25 5.32
N SER D 268 -10.65 -33.00 4.02
CA SER D 268 -11.11 -34.02 3.04
C SER D 268 -10.17 -35.23 3.06
N MET D 269 -8.89 -35.02 3.34
CA MET D 269 -7.85 -36.07 3.28
C MET D 269 -7.98 -37.04 4.44
N LYS D 270 -8.81 -36.75 5.45
CA LYS D 270 -8.89 -37.58 6.68
C LYS D 270 -10.27 -38.23 6.86
N GLN D 271 -11.17 -38.18 5.88
CA GLN D 271 -12.54 -38.73 5.99
C GLN D 271 -12.64 -40.05 5.21
N ARG D 272 -13.59 -40.89 5.58
CA ARG D 272 -13.97 -42.10 4.82
C ARG D 272 -14.64 -41.62 3.55
N ALA D 273 -14.46 -42.36 2.46
CA ALA D 273 -15.03 -42.05 1.14
C ALA D 273 -16.48 -41.61 1.29
N GLY D 274 -16.86 -40.52 0.62
CA GLY D 274 -18.24 -40.01 0.58
C GLY D 274 -18.28 -38.49 0.42
N ALA D 275 -19.49 -37.94 0.43
CA ALA D 275 -19.75 -36.49 0.37
C ALA D 275 -20.19 -36.04 1.76
N TYR D 276 -19.78 -34.84 2.15
CA TYR D 276 -19.93 -34.24 3.49
C TYR D 276 -20.23 -32.75 3.39
N THR D 277 -21.23 -32.27 4.14
CA THR D 277 -21.32 -30.86 4.56
C THR D 277 -20.30 -30.65 5.68
N VAL D 278 -19.95 -29.40 5.99
CA VAL D 278 -18.86 -29.09 6.96
C VAL D 278 -19.33 -29.38 8.40
N ILE D 279 -20.63 -29.54 8.64
CA ILE D 279 -21.15 -29.90 9.99
C ILE D 279 -20.97 -31.40 10.24
N GLU D 280 -20.51 -32.18 9.25
CA GLU D 280 -20.30 -33.64 9.38
C GLU D 280 -18.79 -33.97 9.48
N ILE D 281 -17.94 -32.96 9.59
CA ILE D 281 -16.46 -33.11 9.73
C ILE D 281 -16.08 -32.69 11.14
N PRO D 282 -15.21 -33.44 11.83
CA PRO D 282 -14.61 -32.99 13.07
C PRO D 282 -13.85 -31.67 12.86
N PRO D 283 -14.16 -30.60 13.62
CA PRO D 283 -13.53 -29.30 13.37
C PRO D 283 -11.99 -29.32 13.35
N VAL D 284 -11.33 -30.16 14.15
CA VAL D 284 -9.84 -30.16 14.23
C VAL D 284 -9.26 -30.66 12.90
N ASP D 285 -10.01 -31.43 12.11
CA ASP D 285 -9.56 -31.96 10.80
C ASP D 285 -9.35 -30.83 9.80
N PHE D 286 -9.92 -29.65 10.04
CA PHE D 286 -9.71 -28.45 9.20
C PHE D 286 -8.29 -27.88 9.41
N LEU D 287 -7.55 -28.29 10.44
CA LEU D 287 -6.34 -27.55 10.88
C LEU D 287 -5.05 -28.31 10.59
N ALA D 288 -4.02 -27.56 10.20
CA ALA D 288 -2.62 -28.01 10.09
C ALA D 288 -2.03 -28.13 11.49
N GLY D 289 -1.14 -29.10 11.69
CA GLY D 289 -0.32 -29.25 12.90
C GLY D 289 -0.51 -30.60 13.56
N ASP D 290 0.17 -30.80 14.68
CA ASP D 290 0.17 -32.06 15.46
C ASP D 290 -1.13 -32.07 16.30
N LEU D 291 -1.93 -33.12 16.20
CA LEU D 291 -3.21 -33.24 16.96
C LEU D 291 -3.01 -32.74 18.39
N ASN D 292 -2.05 -33.31 19.13
CA ASN D 292 -1.93 -33.07 20.59
C ASN D 292 -1.51 -31.61 20.84
N THR D 293 -0.70 -31.00 19.98
CA THR D 293 -0.31 -29.57 20.13
C THR D 293 -1.56 -28.72 19.96
N LEU D 294 -2.39 -29.06 18.97
CA LEU D 294 -3.67 -28.36 18.65
C LEU D 294 -4.63 -28.49 19.83
N ILE D 295 -4.76 -29.68 20.40
CA ILE D 295 -5.67 -29.94 21.55
C ILE D 295 -5.22 -29.07 22.73
N ALA D 296 -3.93 -29.08 23.06
CA ALA D 296 -3.33 -28.28 24.16
C ALA D 296 -3.61 -26.80 23.95
N LYS D 297 -3.56 -26.34 22.70
CA LYS D 297 -3.68 -24.90 22.34
C LYS D 297 -5.15 -24.44 22.39
N LEU D 298 -6.09 -25.31 22.01
CA LEU D 298 -7.49 -24.94 21.63
C LEU D 298 -8.51 -25.37 22.69
N VAL D 299 -8.35 -26.53 23.33
CA VAL D 299 -9.47 -27.16 24.07
C VAL D 299 -9.55 -26.59 25.49
#